data_5AUM
#
_entry.id   5AUM
#
_cell.length_a   217.768
_cell.length_b   217.768
_cell.length_c   52.236
_cell.angle_alpha   90.00
_cell.angle_beta   90.00
_cell.angle_gamma   120.00
#
_symmetry.space_group_name_H-M   'P 32 2 1'
#
loop_
_entity.id
_entity.type
_entity.pdbx_description
1 polymer 'Heavy chain of Fab fragment'
2 polymer 'Light chain of Fab fragment'
3 polymer 'peptide RENLYFQGKDG'
4 non-polymer 'ZINC ION'
5 water water
#
loop_
_entity_poly.entity_id
_entity_poly.type
_entity_poly.pdbx_seq_one_letter_code
_entity_poly.pdbx_strand_id
1 'polypeptide(L)'
;MLVLQWVLVTALFQGVHCAVQLVESGGGLVQPKESLKISCAAFGVTFSNVAMYWVRQAPGKGLEWVARIRTKPNNYATYY
ADSVKGRFTISRDDSKSMVYLQMDNLKTEDTAMYYCTAEVATDWGQGVMVTVSSAETTAPSVYPLAPGTALKSNSMVTLG
CLVKGYFPEPVTVTWNSGALSSGVHTFPAVLQSGLYTLTSSVTVPSSTWSSQAVTCNVAHPASSTKVDKKIIVPRECNPC
GC
;
H,A
2 'polypeptide(L)'
;MMSPVQSLFLLLLWILGTNGDVVLTQAPPTLSATIGQSVSISCRSSQSLLHRNGNTYLNWLLQRPGQPPQLLIYLVSRLE
SGVPNRFSGSGSGTAFTLKISGLEAEDLGVYYCVQGTHAPLTFGSGTKLEIKRADAAPTVSIFPPSTEQLATGGASVVCL
MNNFYPRDISVKWKIDGTERRDGVLDSVTDQDSKDSTYSMSSTLSLTKADYESHNLYTCEVVHKTSSSPVVKSFNRNEC
;
B,L
3 'polypeptide(L)' RENLYFQGKDG C,D
#
# COMPACT_ATOMS: atom_id res chain seq x y z
N ALA A 19 5.24 -0.13 -9.41
CA ALA A 19 3.75 -0.09 -9.40
C ALA A 19 3.28 1.14 -8.63
N VAL A 20 2.43 1.92 -9.28
CA VAL A 20 1.86 3.14 -8.70
C VAL A 20 0.80 2.75 -7.68
N GLN A 21 0.79 3.44 -6.54
CA GLN A 21 -0.17 3.18 -5.50
C GLN A 21 -0.41 4.41 -4.65
N LEU A 22 -1.67 4.63 -4.28
CA LEU A 22 -2.03 5.66 -3.31
C LEU A 22 -2.66 4.97 -2.10
N VAL A 23 -2.26 5.39 -0.90
CA VAL A 23 -2.80 4.80 0.33
C VAL A 23 -3.27 5.90 1.27
N GLU A 24 -4.58 5.90 1.57
CA GLU A 24 -5.20 6.88 2.46
C GLU A 24 -5.17 6.39 3.91
N SER A 25 -5.12 7.36 4.84
CA SER A 25 -5.30 7.04 6.27
C SER A 25 -5.98 8.21 6.95
N GLY A 26 -6.43 7.99 8.18
CA GLY A 26 -7.13 8.99 8.97
C GLY A 26 -8.61 8.67 8.88
N GLY A 27 -9.44 9.60 9.29
CA GLY A 27 -10.88 9.37 9.16
C GLY A 27 -11.43 8.53 10.30
N GLY A 28 -12.75 8.48 10.37
CA GLY A 28 -13.44 7.77 11.44
C GLY A 28 -14.69 8.56 11.77
N LEU A 29 -15.18 8.38 12.99
CA LEU A 29 -16.37 9.07 13.48
C LEU A 29 -15.99 10.32 14.28
N VAL A 30 -16.77 11.37 14.07
CA VAL A 30 -16.53 12.68 14.65
C VAL A 30 -17.89 13.36 14.84
N GLN A 31 -17.97 14.29 15.79
CA GLN A 31 -19.21 15.04 16.03
C GLN A 31 -19.32 16.28 15.14
N PRO A 32 -20.55 16.74 14.82
CA PRO A 32 -20.67 18.00 14.09
C PRO A 32 -19.84 19.09 14.74
N LYS A 33 -19.22 19.94 13.91
CA LYS A 33 -18.35 21.05 14.33
C LYS A 33 -16.91 20.64 14.70
N GLU A 34 -16.64 19.35 14.87
CA GLU A 34 -15.26 18.90 15.11
C GLU A 34 -14.38 18.88 13.83
N SER A 35 -13.11 18.50 14.02
CA SER A 35 -12.08 18.47 12.98
C SER A 35 -11.56 17.07 12.74
N LEU A 36 -11.02 16.84 11.53
CA LEU A 36 -10.32 15.60 11.18
C LEU A 36 -9.30 15.91 10.11
N LYS A 37 -8.17 15.20 10.14
CA LYS A 37 -7.15 15.33 9.09
C LYS A 37 -6.93 13.96 8.45
N ILE A 38 -7.07 13.90 7.14
CA ILE A 38 -6.86 12.63 6.45
C ILE A 38 -5.67 12.82 5.54
N SER A 39 -5.03 11.71 5.18
CA SER A 39 -3.88 11.85 4.34
C SER A 39 -3.80 10.74 3.27
N CYS A 40 -2.89 10.97 2.34
CA CYS A 40 -2.75 10.13 1.19
C CYS A 40 -1.26 10.03 0.87
N ALA A 41 -0.74 8.81 0.95
CA ALA A 41 0.69 8.53 0.70
C ALA A 41 0.79 7.90 -0.68
N ALA A 42 1.68 8.45 -1.51
CA ALA A 42 1.88 7.95 -2.86
C ALA A 42 3.14 7.11 -2.89
N PHE A 43 3.12 6.02 -3.66
CA PHE A 43 4.30 5.14 -3.84
C PHE A 43 4.51 4.79 -5.31
N GLY A 44 5.75 4.53 -5.71
CA GLY A 44 6.03 3.91 -7.01
C GLY A 44 6.39 4.76 -8.21
N VAL A 45 6.12 6.05 -8.15
CA VAL A 45 6.49 7.03 -9.18
C VAL A 45 6.15 8.36 -8.51
N THR A 46 6.88 9.40 -8.87
CA THR A 46 6.58 10.72 -8.33
C THR A 46 5.22 11.27 -8.80
N PHE A 47 4.53 11.94 -7.87
CA PHE A 47 3.31 12.70 -8.14
C PHE A 47 3.55 14.22 -8.18
N SER A 48 4.83 14.63 -8.16
CA SER A 48 5.23 16.05 -8.24
C SER A 48 4.74 16.79 -9.47
N ASN A 49 4.59 16.11 -10.59
CA ASN A 49 4.18 16.80 -11.82
C ASN A 49 2.68 16.75 -12.06
N VAL A 50 1.92 16.23 -11.10
CA VAL A 50 0.45 16.20 -11.26
C VAL A 50 -0.28 16.98 -10.18
N ALA A 51 -1.33 17.68 -10.59
CA ALA A 51 -2.27 18.25 -9.65
C ALA A 51 -2.91 17.11 -8.86
N MET A 52 -3.18 17.32 -7.58
CA MET A 52 -3.79 16.28 -6.76
C MET A 52 -5.20 16.64 -6.30
N TYR A 53 -6.04 15.62 -6.08
CA TYR A 53 -7.45 15.85 -5.71
C TYR A 53 -7.90 14.99 -4.54
N TRP A 54 -8.79 15.52 -3.72
CA TRP A 54 -9.65 14.73 -2.87
C TRP A 54 -11.02 14.70 -3.53
N VAL A 55 -11.63 13.52 -3.53
CA VAL A 55 -12.91 13.26 -4.21
C VAL A 55 -13.76 12.53 -3.17
N ARG A 56 -15.06 12.81 -3.10
CA ARG A 56 -15.84 12.09 -2.11
C ARG A 56 -17.08 11.42 -2.68
N GLN A 57 -17.59 10.44 -1.94
CA GLN A 57 -18.78 9.71 -2.33
C GLN A 57 -19.62 9.51 -1.07
N ALA A 58 -20.72 10.22 -0.99
CA ALA A 58 -21.72 10.03 0.07
C ALA A 58 -22.36 8.64 -0.11
N PRO A 59 -22.78 7.97 1.00
CA PRO A 59 -23.30 6.60 0.86
C PRO A 59 -24.40 6.53 -0.18
N GLY A 60 -24.30 5.57 -1.08
CA GLY A 60 -25.25 5.40 -2.20
C GLY A 60 -25.31 6.48 -3.28
N LYS A 61 -24.37 7.42 -3.29
CA LYS A 61 -24.38 8.52 -4.29
C LYS A 61 -23.17 8.34 -5.20
N GLY A 62 -22.94 9.29 -6.11
CA GLY A 62 -21.82 9.22 -7.02
C GLY A 62 -20.59 9.93 -6.50
N LEU A 63 -19.63 10.18 -7.38
CA LEU A 63 -18.34 10.76 -7.01
C LEU A 63 -18.35 12.23 -7.33
N GLU A 64 -17.72 13.06 -6.48
CA GLU A 64 -17.63 14.50 -6.74
C GLU A 64 -16.29 15.01 -6.19
N TRP A 65 -15.65 15.91 -6.92
CA TRP A 65 -14.44 16.56 -6.41
C TRP A 65 -14.76 17.44 -5.16
N VAL A 66 -13.79 17.51 -4.25
CA VAL A 66 -13.86 18.24 -2.98
C VAL A 66 -12.77 19.32 -2.94
N ALA A 67 -11.54 18.94 -3.29
CA ALA A 67 -10.45 19.91 -3.24
C ALA A 67 -9.39 19.55 -4.24
N ARG A 68 -8.64 20.56 -4.66
CA ARG A 68 -7.68 20.46 -5.75
C ARG A 68 -6.42 21.24 -5.35
N ILE A 69 -5.25 20.66 -5.59
CA ILE A 69 -4.01 21.39 -5.37
C ILE A 69 -3.08 21.26 -6.56
N ARG A 70 -2.60 22.40 -7.04
CA ARG A 70 -1.72 22.47 -8.22
C ARG A 70 -0.28 22.03 -7.86
N THR A 71 0.61 22.07 -8.84
CA THR A 71 1.99 21.68 -8.66
C THR A 71 2.88 22.91 -8.33
N LYS A 72 4.14 22.66 -8.00
CA LYS A 72 5.08 23.72 -7.64
C LYS A 72 5.13 24.86 -8.70
N PRO A 73 5.32 24.54 -10.01
CA PRO A 73 5.33 25.63 -11.02
C PRO A 73 4.10 26.56 -11.03
N ASN A 74 2.97 26.06 -10.54
CA ASN A 74 1.76 26.86 -10.45
C ASN A 74 1.46 27.28 -9.02
N ASN A 75 2.53 27.35 -8.23
CA ASN A 75 2.49 27.97 -6.92
C ASN A 75 1.66 27.17 -5.90
N TYR A 76 1.47 25.88 -6.16
CA TYR A 76 0.64 25.01 -5.31
C TYR A 76 -0.75 25.60 -5.03
N ALA A 77 -1.33 26.28 -6.02
CA ALA A 77 -2.66 26.92 -5.89
C ALA A 77 -3.70 25.87 -5.51
N THR A 78 -4.63 26.27 -4.64
CA THR A 78 -5.65 25.35 -4.08
C THR A 78 -7.04 25.87 -4.45
N TYR A 79 -7.99 24.95 -4.67
CA TYR A 79 -9.37 25.27 -5.07
C TYR A 79 -10.25 24.27 -4.32
N TYR A 80 -11.51 24.65 -4.06
CA TYR A 80 -12.41 23.85 -3.21
C TYR A 80 -13.79 23.82 -3.84
N ALA A 81 -14.52 22.71 -3.69
CA ALA A 81 -15.95 22.70 -4.02
C ALA A 81 -16.68 23.73 -3.15
N ASP A 82 -17.77 24.32 -3.66
CA ASP A 82 -18.48 25.41 -2.95
C ASP A 82 -18.89 24.97 -1.56
N SER A 83 -19.36 23.73 -1.43
CA SER A 83 -19.84 23.20 -0.15
C SER A 83 -18.78 23.09 0.94
N VAL A 84 -17.49 23.18 0.61
CA VAL A 84 -16.46 23.00 1.67
C VAL A 84 -15.51 24.21 1.80
N LYS A 85 -15.71 25.20 0.94
CA LYS A 85 -14.90 26.40 0.88
C LYS A 85 -14.87 27.06 2.24
N GLY A 86 -13.65 27.40 2.69
CA GLY A 86 -13.45 27.97 4.01
C GLY A 86 -13.54 27.01 5.16
N ARG A 87 -13.78 25.71 4.92
CA ARG A 87 -13.79 24.74 6.01
C ARG A 87 -12.72 23.64 5.81
N PHE A 88 -12.44 23.29 4.56
CA PHE A 88 -11.44 22.23 4.25
C PHE A 88 -10.16 22.91 3.74
N THR A 89 -9.00 22.32 4.03
CA THR A 89 -7.74 22.86 3.49
C THR A 89 -6.97 21.69 2.91
N ILE A 90 -6.57 21.82 1.65
CA ILE A 90 -5.76 20.79 1.02
C ILE A 90 -4.30 21.25 1.01
N SER A 91 -3.38 20.32 1.23
CA SER A 91 -1.96 20.62 1.18
C SER A 91 -1.20 19.41 0.64
N ARG A 92 0.00 19.66 0.17
CA ARG A 92 0.82 18.55 -0.28
C ARG A 92 2.25 18.74 0.23
N ASP A 93 2.94 17.64 0.45
CA ASP A 93 4.37 17.66 0.79
C ASP A 93 5.06 16.76 -0.21
N ASP A 94 5.61 17.38 -1.25
CA ASP A 94 6.24 16.63 -2.36
C ASP A 94 7.50 15.86 -1.93
N SER A 95 8.18 16.37 -0.89
CA SER A 95 9.41 15.71 -0.36
C SER A 95 9.07 14.38 0.27
N LYS A 96 7.84 14.23 0.75
CA LYS A 96 7.39 13.02 1.40
C LYS A 96 6.34 12.24 0.56
N SER A 97 6.05 12.72 -0.65
CA SER A 97 4.98 12.12 -1.50
C SER A 97 3.65 11.96 -0.76
N MET A 98 3.22 13.05 -0.13
CA MET A 98 2.06 13.07 0.75
C MET A 98 1.08 14.15 0.28
N VAL A 99 -0.21 13.86 0.39
CA VAL A 99 -1.30 14.84 0.20
C VAL A 99 -2.19 14.75 1.44
N TYR A 100 -2.74 15.89 1.86
CA TYR A 100 -3.55 15.98 3.08
C TYR A 100 -4.85 16.77 2.85
N LEU A 101 -5.87 16.44 3.63
CA LEU A 101 -7.06 17.26 3.71
C LEU A 101 -7.37 17.52 5.19
N GLN A 102 -7.25 18.78 5.60
CA GLN A 102 -7.72 19.20 6.93
C GLN A 102 -9.18 19.59 6.81
N MET A 103 -10.03 18.92 7.57
CA MET A 103 -11.47 19.18 7.53
C MET A 103 -11.91 19.77 8.86
N ASP A 104 -12.23 21.06 8.87
CA ASP A 104 -12.73 21.73 10.06
C ASP A 104 -14.23 21.96 9.96
N ASN A 105 -14.84 22.21 11.12
CA ASN A 105 -16.28 22.53 11.21
C ASN A 105 -17.15 21.55 10.42
N LEU A 106 -16.95 20.27 10.72
CA LEU A 106 -17.52 19.17 9.95
C LEU A 106 -19.04 19.17 10.14
N LYS A 107 -19.78 18.87 9.07
CA LYS A 107 -21.26 18.84 9.07
C LYS A 107 -21.72 17.42 8.71
N THR A 108 -22.92 17.03 9.15
CA THR A 108 -23.42 15.66 8.89
C THR A 108 -23.35 15.32 7.37
N GLU A 109 -23.67 16.29 6.52
CA GLU A 109 -23.61 16.04 5.06
C GLU A 109 -22.18 15.93 4.48
N ASP A 110 -21.15 16.06 5.32
CA ASP A 110 -19.78 15.71 4.87
C ASP A 110 -19.48 14.21 4.99
N THR A 111 -20.44 13.46 5.53
CA THR A 111 -20.33 12.00 5.71
C THR A 111 -20.15 11.37 4.32
N ALA A 112 -19.01 10.70 4.12
CA ALA A 112 -18.65 10.12 2.80
C ALA A 112 -17.39 9.27 2.90
N MET A 113 -17.15 8.46 1.86
CA MET A 113 -15.83 7.93 1.62
C MET A 113 -15.05 9.00 0.88
N TYR A 114 -13.82 9.26 1.34
CA TYR A 114 -12.92 10.22 0.72
C TYR A 114 -11.78 9.51 0.00
N TYR A 115 -11.55 9.90 -1.26
CA TYR A 115 -10.51 9.30 -2.10
C TYR A 115 -9.56 10.35 -2.55
N CYS A 116 -8.29 9.96 -2.59
CA CYS A 116 -7.23 10.77 -3.12
C CYS A 116 -6.94 10.31 -4.58
N THR A 117 -6.66 11.23 -5.52
CA THR A 117 -6.27 10.83 -6.88
C THR A 117 -5.57 11.99 -7.57
N ALA A 118 -4.85 11.71 -8.64
CA ALA A 118 -4.20 12.73 -9.43
C ALA A 118 -5.15 13.19 -10.57
N GLU A 119 -4.81 14.31 -11.20
CA GLU A 119 -5.62 14.86 -12.27
C GLU A 119 -5.77 13.89 -13.43
N VAL A 120 -4.81 12.99 -13.61
CA VAL A 120 -4.95 11.95 -14.66
C VAL A 120 -6.01 10.90 -14.31
N ALA A 121 -6.41 10.84 -13.04
CA ALA A 121 -7.53 10.00 -12.54
C ALA A 121 -7.37 8.50 -12.88
N THR A 122 -6.13 8.04 -13.05
CA THR A 122 -5.86 6.67 -13.39
C THR A 122 -5.60 5.79 -12.14
N ASP A 123 -5.08 6.36 -11.06
CA ASP A 123 -4.75 5.57 -9.86
C ASP A 123 -5.51 6.07 -8.65
N TRP A 124 -6.07 5.12 -7.91
CA TRP A 124 -7.01 5.42 -6.83
C TRP A 124 -6.62 4.67 -5.56
N GLY A 125 -6.68 5.36 -4.42
CA GLY A 125 -6.56 4.71 -3.13
C GLY A 125 -7.77 3.87 -2.78
N GLN A 126 -7.68 3.21 -1.61
CA GLN A 126 -8.75 2.40 -1.10
C GLN A 126 -9.87 3.27 -0.49
N GLY A 127 -9.59 4.54 -0.19
CA GLY A 127 -10.57 5.46 0.43
C GLY A 127 -10.57 5.38 1.95
N VAL A 128 -10.97 6.46 2.62
CA VAL A 128 -11.28 6.42 4.06
C VAL A 128 -12.66 6.97 4.34
N MET A 129 -13.35 6.32 5.28
CA MET A 129 -14.67 6.75 5.71
C MET A 129 -14.59 7.86 6.74
N VAL A 130 -15.31 8.93 6.49
CA VAL A 130 -15.49 10.02 7.46
C VAL A 130 -17.01 10.07 7.75
N THR A 131 -17.35 9.82 9.00
CA THR A 131 -18.75 9.87 9.44
C THR A 131 -18.90 11.02 10.43
N VAL A 132 -19.86 11.91 10.16
CA VAL A 132 -20.12 13.04 11.03
C VAL A 132 -21.52 12.89 11.64
N SER A 133 -21.56 12.68 12.96
CA SER A 133 -22.82 12.40 13.68
C SER A 133 -22.68 12.72 15.16
N SER A 134 -23.79 13.15 15.76
CA SER A 134 -23.80 13.46 17.18
C SER A 134 -24.06 12.21 18.02
N ALA A 135 -24.49 11.11 17.39
CA ALA A 135 -24.66 9.84 18.10
C ALA A 135 -23.30 9.23 18.39
N GLU A 136 -23.18 8.60 19.55
CA GLU A 136 -21.90 8.00 19.94
C GLU A 136 -21.81 6.55 19.47
N THR A 137 -20.59 6.01 19.42
CA THR A 137 -20.37 4.66 18.92
C THR A 137 -21.05 3.58 19.76
N THR A 138 -21.61 2.58 19.09
CA THR A 138 -22.12 1.39 19.79
C THR A 138 -21.61 0.16 19.06
N ALA A 139 -20.98 -0.73 19.82
CA ALA A 139 -20.41 -1.95 19.28
C ALA A 139 -21.56 -2.91 18.98
N PRO A 140 -21.41 -3.77 17.96
CA PRO A 140 -22.50 -4.72 17.68
C PRO A 140 -22.53 -5.88 18.66
N SER A 141 -23.73 -6.44 18.85
CA SER A 141 -23.89 -7.75 19.48
C SER A 141 -23.97 -8.77 18.37
N VAL A 142 -23.17 -9.82 18.49
CA VAL A 142 -23.05 -10.81 17.44
C VAL A 142 -23.62 -12.11 17.95
N TYR A 143 -24.69 -12.58 17.29
CA TYR A 143 -25.40 -13.81 17.66
C TYR A 143 -25.38 -14.86 16.55
N PRO A 144 -25.26 -16.16 16.93
CA PRO A 144 -25.25 -17.24 15.94
C PRO A 144 -26.62 -17.50 15.33
N LEU A 145 -26.62 -18.03 14.11
CA LEU A 145 -27.83 -18.49 13.46
C LEU A 145 -27.55 -19.93 13.05
N ALA A 146 -28.07 -20.86 13.88
CA ALA A 146 -27.93 -22.29 13.65
C ALA A 146 -29.33 -22.90 13.39
N PRO A 147 -29.43 -23.89 12.46
CA PRO A 147 -30.72 -24.39 11.90
C PRO A 147 -31.90 -24.63 12.87
N SER A 155 -26.34 -33.00 1.22
CA SER A 155 -27.06 -31.73 1.51
C SER A 155 -26.10 -30.56 1.81
N MET A 156 -26.58 -29.34 1.60
CA MET A 156 -25.86 -28.13 1.93
C MET A 156 -26.56 -27.49 3.12
N VAL A 157 -25.79 -27.04 4.10
CA VAL A 157 -26.36 -26.32 5.26
C VAL A 157 -26.05 -24.83 5.16
N THR A 158 -27.04 -24.01 5.51
CA THR A 158 -26.85 -22.57 5.60
C THR A 158 -26.74 -22.13 7.06
N LEU A 159 -25.60 -21.53 7.38
CA LEU A 159 -25.36 -20.96 8.72
C LEU A 159 -25.25 -19.45 8.64
N GLY A 160 -25.44 -18.77 9.78
CA GLY A 160 -25.29 -17.33 9.79
C GLY A 160 -24.92 -16.63 11.08
N CYS A 161 -24.67 -15.33 10.96
CA CYS A 161 -24.44 -14.45 12.09
C CYS A 161 -25.33 -13.22 12.01
N LEU A 162 -25.99 -12.93 13.13
CA LEU A 162 -26.78 -11.73 13.32
C LEU A 162 -25.94 -10.69 14.03
N VAL A 163 -25.74 -9.57 13.37
CA VAL A 163 -24.87 -8.49 13.86
C VAL A 163 -25.77 -7.29 14.18
N LYS A 164 -26.09 -7.13 15.46
CA LYS A 164 -27.24 -6.30 15.86
C LYS A 164 -26.89 -5.12 16.74
N GLY A 165 -27.44 -3.97 16.38
CA GLY A 165 -27.46 -2.79 17.25
C GLY A 165 -26.15 -2.05 17.31
N TYR A 166 -25.57 -1.73 16.15
CA TYR A 166 -24.29 -1.00 16.13
C TYR A 166 -24.41 0.39 15.51
N PHE A 167 -23.47 1.26 15.84
CA PHE A 167 -23.35 2.54 15.17
C PHE A 167 -21.91 3.03 15.28
N PRO A 168 -21.36 3.63 14.19
CA PRO A 168 -21.89 3.80 12.83
C PRO A 168 -21.58 2.60 11.91
N GLU A 169 -21.95 2.74 10.63
CA GLU A 169 -21.40 1.91 9.57
C GLU A 169 -19.90 2.25 9.40
N PRO A 170 -19.08 1.28 8.93
CA PRO A 170 -19.40 -0.12 8.61
C PRO A 170 -18.96 -1.13 9.66
N VAL A 171 -19.37 -2.37 9.41
CA VAL A 171 -18.71 -3.55 9.96
C VAL A 171 -18.15 -4.36 8.79
N THR A 172 -17.14 -5.19 9.07
CA THR A 172 -16.68 -6.21 8.11
C THR A 172 -17.02 -7.56 8.70
N VAL A 173 -17.59 -8.43 7.89
CA VAL A 173 -17.84 -9.81 8.33
C VAL A 173 -17.10 -10.77 7.42
N THR A 174 -16.32 -11.68 7.99
CA THR A 174 -15.74 -12.80 7.25
C THR A 174 -16.18 -14.11 7.90
N TRP A 175 -15.88 -15.21 7.22
CA TRP A 175 -16.20 -16.55 7.70
C TRP A 175 -14.93 -17.38 7.69
N ASN A 176 -14.62 -17.98 8.84
CA ASN A 176 -13.31 -18.62 9.07
C ASN A 176 -12.15 -17.71 8.59
N SER A 177 -12.20 -16.45 9.05
CA SER A 177 -11.20 -15.41 8.69
C SER A 177 -10.99 -15.17 7.21
N GLY A 178 -11.95 -15.56 6.37
CA GLY A 178 -11.82 -15.37 4.92
C GLY A 178 -11.57 -16.66 4.16
N ALA A 179 -11.34 -17.75 4.90
CA ALA A 179 -11.16 -19.09 4.28
C ALA A 179 -12.45 -19.56 3.58
N LEU A 180 -13.61 -19.29 4.17
CA LEU A 180 -14.89 -19.56 3.51
C LEU A 180 -15.35 -18.29 2.79
N SER A 181 -15.17 -18.26 1.47
CA SER A 181 -15.50 -17.05 0.72
C SER A 181 -16.65 -17.17 -0.30
N SER A 182 -16.84 -18.34 -0.91
CA SER A 182 -17.98 -18.56 -1.82
C SER A 182 -19.21 -19.01 -1.03
N GLY A 183 -20.40 -18.83 -1.61
CA GLY A 183 -21.64 -19.08 -0.85
C GLY A 183 -21.82 -18.22 0.40
N VAL A 184 -21.15 -17.06 0.44
CA VAL A 184 -21.30 -16.07 1.51
C VAL A 184 -22.29 -14.99 1.04
N HIS A 185 -23.25 -14.67 1.90
CA HIS A 185 -24.12 -13.50 1.67
C HIS A 185 -24.10 -12.61 2.89
N THR A 186 -23.64 -11.39 2.70
CA THR A 186 -23.71 -10.39 3.79
C THR A 186 -24.72 -9.36 3.34
N PHE A 187 -25.78 -9.23 4.10
CA PHE A 187 -26.92 -8.42 3.74
C PHE A 187 -26.68 -6.97 4.15
N PRO A 188 -27.06 -6.01 3.29
CA PRO A 188 -26.92 -4.60 3.63
C PRO A 188 -27.60 -4.30 4.96
N ALA A 189 -26.94 -3.50 5.79
CA ALA A 189 -27.45 -3.11 7.09
C ALA A 189 -28.72 -2.29 6.96
N VAL A 190 -29.65 -2.47 7.89
CA VAL A 190 -30.82 -1.60 7.99
C VAL A 190 -30.72 -0.79 9.28
N LEU A 191 -30.92 0.53 9.13
CA LEU A 191 -30.97 1.48 10.23
C LEU A 191 -32.36 1.50 10.89
N GLN A 192 -32.40 1.35 12.22
CA GLN A 192 -33.64 1.32 12.99
C GLN A 192 -33.40 1.90 14.39
N SER A 193 -34.08 3.01 14.70
CA SER A 193 -33.92 3.78 15.95
C SER A 193 -32.47 4.15 16.23
N GLY A 194 -31.76 4.61 15.20
CA GLY A 194 -30.38 5.07 15.36
C GLY A 194 -29.33 3.97 15.44
N LEU A 195 -29.75 2.69 15.36
CA LEU A 195 -28.82 1.56 15.31
C LEU A 195 -28.99 0.70 14.07
N TYR A 196 -27.87 0.19 13.56
CA TYR A 196 -27.82 -0.72 12.42
C TYR A 196 -27.90 -2.18 12.82
N THR A 197 -28.47 -2.99 11.93
CA THR A 197 -28.47 -4.44 12.07
C THR A 197 -28.17 -5.04 10.71
N LEU A 198 -27.30 -6.05 10.69
CA LEU A 198 -27.11 -6.84 9.48
C LEU A 198 -27.01 -8.32 9.79
N THR A 199 -27.14 -9.13 8.75
CA THR A 199 -26.93 -10.54 8.88
C THR A 199 -25.94 -10.93 7.81
N SER A 200 -25.17 -11.95 8.12
CA SER A 200 -24.34 -12.59 7.12
C SER A 200 -24.61 -14.07 7.17
N SER A 201 -24.62 -14.73 6.03
CA SER A 201 -24.80 -16.17 5.99
C SER A 201 -23.70 -16.81 5.16
N VAL A 202 -23.44 -18.09 5.44
CA VAL A 202 -22.59 -18.92 4.60
C VAL A 202 -23.24 -20.31 4.41
N THR A 203 -23.12 -20.81 3.19
CA THR A 203 -23.67 -22.11 2.83
C THR A 203 -22.51 -23.07 2.55
N VAL A 204 -22.43 -24.11 3.37
CA VAL A 204 -21.34 -25.10 3.29
C VAL A 204 -21.91 -26.53 3.14
N PRO A 205 -21.13 -27.47 2.53
CA PRO A 205 -21.51 -28.88 2.61
C PRO A 205 -21.69 -29.28 4.07
N SER A 206 -22.78 -29.98 4.38
CA SER A 206 -23.11 -30.35 5.78
C SER A 206 -22.08 -31.25 6.50
N SER A 207 -21.25 -31.94 5.72
CA SER A 207 -20.08 -32.65 6.24
C SER A 207 -19.00 -31.67 6.81
N THR A 208 -18.84 -30.51 6.16
CA THR A 208 -17.93 -29.45 6.62
C THR A 208 -18.30 -29.01 8.02
N TRP A 209 -19.59 -28.71 8.23
CA TRP A 209 -20.05 -28.26 9.53
C TRP A 209 -19.93 -29.38 10.58
N SER A 210 -20.04 -30.62 10.11
CA SER A 210 -19.85 -31.83 10.92
C SER A 210 -18.45 -31.90 11.57
N SER A 211 -17.41 -31.85 10.74
CA SER A 211 -16.01 -31.95 11.18
C SER A 211 -15.38 -30.60 11.61
N GLN A 212 -15.35 -29.63 10.70
CA GLN A 212 -14.73 -28.32 10.91
C GLN A 212 -15.55 -27.40 11.81
N ALA A 213 -14.86 -26.45 12.44
CA ALA A 213 -15.49 -25.30 13.07
C ALA A 213 -15.95 -24.33 11.97
N VAL A 214 -17.06 -23.65 12.21
CA VAL A 214 -17.48 -22.54 11.36
C VAL A 214 -17.69 -21.34 12.27
N THR A 215 -16.95 -20.27 11.97
CA THR A 215 -16.87 -19.10 12.83
C THR A 215 -17.01 -17.86 11.96
N CYS A 216 -17.83 -16.92 12.41
CA CYS A 216 -17.90 -15.59 11.80
C CYS A 216 -17.07 -14.61 12.60
N ASN A 217 -16.35 -13.75 11.88
CA ASN A 217 -15.49 -12.72 12.47
C ASN A 217 -16.11 -11.38 12.10
N VAL A 218 -16.38 -10.55 13.11
CA VAL A 218 -17.09 -9.27 12.91
C VAL A 218 -16.26 -8.12 13.48
N ALA A 219 -15.72 -7.29 12.59
CA ALA A 219 -14.90 -6.14 12.96
C ALA A 219 -15.77 -4.89 12.87
N HIS A 220 -15.65 -4.00 13.85
CA HIS A 220 -16.36 -2.72 13.86
C HIS A 220 -15.36 -1.62 14.22
N PRO A 221 -14.77 -0.98 13.20
CA PRO A 221 -13.66 -0.03 13.42
C PRO A 221 -13.96 1.02 14.46
N ALA A 222 -15.16 1.60 14.43
CA ALA A 222 -15.44 2.77 15.26
C ALA A 222 -15.48 2.44 16.74
N SER A 223 -15.85 1.20 17.10
CA SER A 223 -15.85 0.80 18.52
C SER A 223 -14.58 0.04 18.91
N SER A 224 -13.63 -0.08 17.98
CA SER A 224 -12.40 -0.86 18.19
C SER A 224 -12.67 -2.29 18.68
N THR A 225 -13.72 -2.92 18.13
CA THR A 225 -14.07 -4.31 18.48
C THR A 225 -13.88 -5.25 17.29
N LYS A 226 -13.44 -6.47 17.58
CA LYS A 226 -13.49 -7.55 16.62
C LYS A 226 -13.79 -8.84 17.37
N VAL A 227 -14.90 -9.47 16.99
CA VAL A 227 -15.52 -10.54 17.77
C VAL A 227 -15.67 -11.79 16.88
N ASP A 228 -15.47 -12.96 17.49
CA ASP A 228 -15.72 -14.24 16.81
C ASP A 228 -16.93 -14.93 17.42
N LYS A 229 -17.72 -15.60 16.58
CA LYS A 229 -18.82 -16.44 17.03
C LYS A 229 -18.75 -17.77 16.33
N LYS A 230 -18.43 -18.82 17.07
CA LYS A 230 -18.44 -20.16 16.52
C LYS A 230 -19.91 -20.58 16.43
N ILE A 231 -20.29 -21.17 15.30
CA ILE A 231 -21.69 -21.60 15.10
C ILE A 231 -21.82 -23.03 15.61
N ILE A 232 -22.44 -23.15 16.78
CA ILE A 232 -22.63 -24.41 17.52
C ILE A 232 -23.97 -25.02 17.12
N VAL A 233 -23.96 -26.34 16.91
CA VAL A 233 -25.11 -27.09 16.41
C VAL A 233 -26.36 -27.03 17.31
N ALA B 19 -2.83 -9.38 -3.22
CA ALA B 19 -3.75 -8.89 -2.16
C ALA B 19 -3.01 -8.37 -0.93
N VAL B 20 -2.17 -9.21 -0.31
CA VAL B 20 -1.65 -8.96 1.07
C VAL B 20 -0.57 -7.88 1.07
N GLN B 21 -0.72 -6.87 1.95
CA GLN B 21 0.19 -5.71 1.94
C GLN B 21 0.27 -4.97 3.29
N LEU B 22 1.48 -4.57 3.68
CA LEU B 22 1.71 -3.79 4.90
C LEU B 22 2.27 -2.45 4.51
N VAL B 23 1.72 -1.40 5.07
CA VAL B 23 2.18 -0.04 4.74
C VAL B 23 2.46 0.69 6.03
N GLU B 24 3.70 1.12 6.19
CA GLU B 24 4.08 1.82 7.41
C GLU B 24 3.97 3.30 7.21
N SER B 25 3.74 4.04 8.30
CA SER B 25 3.90 5.48 8.30
C SER B 25 4.40 6.01 9.65
N GLY B 26 4.64 7.33 9.68
CA GLY B 26 5.13 8.01 10.87
C GLY B 26 6.64 8.03 10.74
N GLY B 27 7.34 8.36 11.81
CA GLY B 27 8.81 8.34 11.69
C GLY B 27 9.39 9.68 11.28
N GLY B 28 10.70 9.71 11.09
CA GLY B 28 11.42 10.94 10.78
C GLY B 28 12.43 11.21 11.89
N LEU B 29 12.78 12.49 12.03
CA LEU B 29 13.79 12.98 12.96
C LEU B 29 13.19 13.38 14.30
N VAL B 30 13.80 12.92 15.38
CA VAL B 30 13.36 13.25 16.73
C VAL B 30 14.62 13.40 17.63
N GLN B 31 14.48 14.14 18.72
CA GLN B 31 15.61 14.39 19.60
C GLN B 31 15.70 13.28 20.64
N PRO B 32 16.94 13.03 21.19
CA PRO B 32 17.08 12.07 22.29
C PRO B 32 16.14 12.40 23.44
N LYS B 33 15.63 11.35 24.06
CA LYS B 33 14.72 11.38 25.21
C LYS B 33 13.28 11.75 24.85
N GLU B 34 13.05 12.15 23.60
CA GLU B 34 11.68 12.42 23.16
C GLU B 34 10.97 11.17 22.64
N SER B 35 9.74 11.34 22.17
CA SER B 35 8.82 10.26 21.82
C SER B 35 8.38 10.31 20.39
N LEU B 36 7.99 9.15 19.85
CA LEU B 36 7.52 9.05 18.48
C LEU B 36 6.66 7.81 18.35
N LYS B 37 5.60 7.90 17.52
CA LYS B 37 4.70 6.77 17.31
C LYS B 37 4.68 6.41 15.83
N ILE B 38 5.01 5.18 15.50
CA ILE B 38 4.96 4.76 14.08
C ILE B 38 3.83 3.76 13.94
N SER B 39 3.32 3.61 12.71
CA SER B 39 2.14 2.75 12.53
C SER B 39 2.29 1.85 11.32
N CYS B 40 1.51 0.79 11.30
CA CYS B 40 1.56 -0.17 10.23
C CYS B 40 0.12 -0.54 9.84
N ALA B 41 -0.25 -0.26 8.61
CA ALA B 41 -1.61 -0.56 8.09
C ALA B 41 -1.55 -1.80 7.17
N ALA B 42 -2.44 -2.76 7.44
CA ALA B 42 -2.51 -4.00 6.69
C ALA B 42 -3.71 -3.96 5.73
N PHE B 43 -3.54 -4.57 4.57
CA PHE B 43 -4.56 -4.65 3.50
C PHE B 43 -4.58 -6.05 2.91
N GLY B 44 -5.76 -6.51 2.49
CA GLY B 44 -5.89 -7.86 1.93
C GLY B 44 -6.41 -8.69 3.07
N VAL B 45 -5.90 -9.91 3.21
CA VAL B 45 -6.37 -10.81 4.29
C VAL B 45 -6.24 -10.21 5.71
N THR B 46 -7.04 -10.71 6.63
CA THR B 46 -6.89 -10.35 8.03
C THR B 46 -5.54 -10.82 8.60
N PHE B 47 -4.98 -9.98 9.45
CA PHE B 47 -3.79 -10.33 10.25
C PHE B 47 -4.18 -10.70 11.69
N SER B 48 -5.47 -10.79 11.97
CA SER B 48 -5.86 -10.97 13.38
C SER B 48 -5.59 -12.38 13.95
N ASN B 49 -5.16 -13.33 13.11
CA ASN B 49 -4.74 -14.65 13.59
C ASN B 49 -3.24 -14.81 13.70
N VAL B 50 -2.48 -13.77 13.41
CA VAL B 50 -1.02 -13.85 13.51
C VAL B 50 -0.49 -12.88 14.56
N ALA B 51 0.49 -13.34 15.35
CA ALA B 51 1.31 -12.41 16.15
C ALA B 51 1.99 -11.41 15.21
N MET B 52 2.11 -10.17 15.65
CA MET B 52 2.69 -9.11 14.82
C MET B 52 3.99 -8.62 15.45
N TYR B 53 4.93 -8.19 14.60
CA TYR B 53 6.28 -7.81 15.03
C TYR B 53 6.69 -6.50 14.43
N TRP B 54 7.44 -5.72 15.21
CA TRP B 54 8.32 -4.71 14.66
C TRP B 54 9.75 -5.23 14.67
N VAL B 55 10.43 -4.98 13.54
CA VAL B 55 11.81 -5.40 13.29
C VAL B 55 12.58 -4.14 12.91
N ARG B 56 13.85 -4.05 13.29
CA ARG B 56 14.64 -2.92 12.86
C ARG B 56 15.97 -3.29 12.29
N GLN B 57 16.52 -2.33 11.57
CA GLN B 57 17.80 -2.46 10.95
C GLN B 57 18.54 -1.14 11.07
N ALA B 58 19.57 -1.12 11.92
CA ALA B 58 20.46 0.03 12.05
C ALA B 58 21.27 0.18 10.77
N PRO B 59 21.73 1.41 10.45
CA PRO B 59 22.40 1.61 9.15
C PRO B 59 23.60 0.68 8.96
N GLY B 60 23.63 0.02 7.79
CA GLY B 60 24.63 -1.06 7.52
C GLY B 60 24.67 -2.30 8.42
N LYS B 61 23.66 -2.51 9.28
CA LYS B 61 23.61 -3.69 10.16
C LYS B 61 22.52 -4.67 9.71
N GLY B 62 22.31 -5.73 10.49
CA GLY B 62 21.32 -6.77 10.16
C GLY B 62 19.94 -6.48 10.72
N LEU B 63 19.04 -7.41 10.51
CA LEU B 63 17.66 -7.27 10.97
C LEU B 63 17.57 -7.90 12.33
N GLU B 64 16.75 -7.31 13.19
CA GLU B 64 16.61 -7.74 14.57
C GLU B 64 15.16 -7.47 14.98
N TRP B 65 14.53 -8.39 15.69
CA TRP B 65 13.21 -8.12 16.26
C TRP B 65 13.32 -7.08 17.40
N VAL B 66 12.26 -6.27 17.58
CA VAL B 66 12.22 -5.17 18.53
C VAL B 66 11.04 -5.41 19.48
N ALA B 67 9.87 -5.76 18.90
CA ALA B 67 8.66 -5.90 19.69
C ALA B 67 7.73 -6.91 19.07
N ARG B 68 6.95 -7.57 19.92
CA ARG B 68 6.06 -8.65 19.52
C ARG B 68 4.75 -8.47 20.20
N ILE B 69 3.65 -8.76 19.50
CA ILE B 69 2.31 -8.74 20.12
C ILE B 69 1.49 -9.92 19.63
N ARG B 70 0.92 -10.67 20.58
CA ARG B 70 0.16 -11.89 20.31
C ARG B 70 -1.29 -11.52 19.90
N THR B 71 -2.11 -12.54 19.65
CA THR B 71 -3.46 -12.36 19.13
C THR B 71 -4.46 -12.27 20.28
N LYS B 72 -5.72 -11.94 19.97
CA LYS B 72 -6.82 -11.91 20.96
C LYS B 72 -6.89 -13.10 21.94
N PRO B 73 -6.87 -14.38 21.45
CA PRO B 73 -6.91 -15.52 22.39
C PRO B 73 -5.72 -15.59 23.35
N ASN B 74 -4.60 -15.00 23.00
CA ASN B 74 -3.46 -14.98 23.91
C ASN B 74 -3.33 -13.64 24.64
N ASN B 75 -4.47 -12.96 24.78
CA ASN B 75 -4.58 -11.68 25.48
C ASN B 75 -3.74 -10.55 24.96
N TYR B 76 -3.35 -10.59 23.67
CA TYR B 76 -2.52 -9.53 23.08
C TYR B 76 -1.21 -9.30 23.88
N ALA B 77 -0.63 -10.38 24.41
CA ALA B 77 0.57 -10.26 25.26
C ALA B 77 1.72 -9.66 24.45
N THR B 78 2.50 -8.81 25.09
CA THR B 78 3.56 -8.07 24.43
C THR B 78 4.94 -8.47 24.98
N TYR B 79 5.96 -8.41 24.14
CA TYR B 79 7.33 -8.77 24.50
C TYR B 79 8.24 -7.81 23.78
N TYR B 80 9.40 -7.54 24.37
CA TYR B 80 10.30 -6.53 23.83
C TYR B 80 11.71 -7.02 23.77
N ALA B 81 12.49 -6.56 22.78
CA ALA B 81 13.94 -6.82 22.81
C ALA B 81 14.56 -6.13 24.03
N ASP B 82 15.66 -6.69 24.55
CA ASP B 82 16.33 -6.15 25.75
C ASP B 82 16.62 -4.66 25.66
N SER B 83 17.07 -4.20 24.51
CA SER B 83 17.44 -2.79 24.32
C SER B 83 16.30 -1.75 24.37
N VAL B 84 15.05 -2.21 24.28
CA VAL B 84 13.91 -1.28 24.19
C VAL B 84 12.87 -1.51 25.30
N LYS B 85 13.00 -2.63 26.01
CA LYS B 85 12.12 -2.99 27.13
C LYS B 85 11.98 -1.80 28.09
N GLY B 86 10.75 -1.45 28.43
CA GLY B 86 10.45 -0.33 29.33
C GLY B 86 10.41 1.04 28.66
N ARG B 87 10.71 1.11 27.36
CA ARG B 87 10.74 2.36 26.60
C ARG B 87 9.74 2.33 25.41
N PHE B 88 9.58 1.15 24.80
CA PHE B 88 8.69 0.98 23.62
C PHE B 88 7.43 0.27 24.02
N THR B 89 6.31 0.59 23.34
CA THR B 89 5.04 -0.08 23.54
C THR B 89 4.44 -0.45 22.19
N ILE B 90 4.28 -1.74 21.96
CA ILE B 90 3.59 -2.24 20.77
C ILE B 90 2.10 -2.41 21.12
N SER B 91 1.21 -2.03 20.20
CA SER B 91 -0.24 -2.28 20.36
C SER B 91 -0.83 -2.60 19.02
N ARG B 92 -2.02 -3.22 19.02
CA ARG B 92 -2.70 -3.51 17.74
C ARG B 92 -4.17 -3.15 17.82
N ASP B 93 -4.74 -2.73 16.69
CA ASP B 93 -6.19 -2.53 16.63
C ASP B 93 -6.71 -3.37 15.49
N ASP B 94 -7.15 -4.57 15.83
CA ASP B 94 -7.57 -5.53 14.82
C ASP B 94 -8.78 -5.05 13.98
N SER B 95 -9.67 -4.30 14.61
CA SER B 95 -10.87 -3.77 13.94
C SER B 95 -10.50 -2.83 12.77
N LYS B 96 -9.30 -2.23 12.85
CA LYS B 96 -8.80 -1.32 11.83
C LYS B 96 -7.61 -1.90 11.05
N SER B 97 -7.24 -3.15 11.35
CA SER B 97 -6.06 -3.77 10.74
C SER B 97 -4.83 -2.88 10.88
N MET B 98 -4.60 -2.40 12.11
CA MET B 98 -3.50 -1.49 12.40
C MET B 98 -2.60 -2.09 13.46
N VAL B 99 -1.30 -1.83 13.35
CA VAL B 99 -0.32 -2.16 14.41
C VAL B 99 0.50 -0.90 14.62
N TYR B 100 0.85 -0.65 15.89
CA TYR B 100 1.56 0.56 16.29
C TYR B 100 2.80 0.28 17.16
N LEU B 101 3.75 1.21 17.10
CA LEU B 101 4.87 1.24 18.02
C LEU B 101 5.08 2.64 18.59
N GLN B 102 4.78 2.76 19.88
CA GLN B 102 5.04 3.98 20.65
C GLN B 102 6.46 3.87 21.18
N MET B 103 7.30 4.82 20.78
CA MET B 103 8.71 4.80 21.16
C MET B 103 8.96 5.98 22.09
N ASP B 104 9.15 5.70 23.38
CA ASP B 104 9.50 6.74 24.37
C ASP B 104 10.98 6.72 24.75
N ASN B 105 11.43 7.83 25.31
CA ASN B 105 12.79 7.98 25.84
C ASN B 105 13.83 7.49 24.82
N LEU B 106 13.73 8.03 23.61
CA LEU B 106 14.51 7.58 22.49
C LEU B 106 16.01 7.83 22.66
N LYS B 107 16.81 6.95 22.08
CA LYS B 107 18.27 7.01 22.17
C LYS B 107 18.84 7.09 20.79
N THR B 108 20.02 7.68 20.66
CA THR B 108 20.65 7.81 19.36
C THR B 108 20.81 6.42 18.71
N GLU B 109 21.02 5.38 19.51
CA GLU B 109 21.19 4.07 18.91
C GLU B 109 19.85 3.37 18.52
N ASP B 110 18.70 4.04 18.71
CA ASP B 110 17.43 3.58 18.16
C ASP B 110 17.30 3.97 16.70
N THR B 111 18.24 4.77 16.21
CA THR B 111 18.29 5.16 14.80
C THR B 111 18.31 3.91 13.91
N ALA B 112 17.28 3.80 13.06
CA ALA B 112 17.09 2.58 12.27
C ALA B 112 15.92 2.72 11.31
N MET B 113 15.91 1.87 10.29
CA MET B 113 14.67 1.62 9.52
C MET B 113 13.85 0.63 10.32
N TYR B 114 12.57 0.94 10.53
CA TYR B 114 11.67 0.05 11.26
C TYR B 114 10.67 -0.61 10.31
N TYR B 115 10.54 -1.93 10.44
CA TYR B 115 9.64 -2.74 9.62
C TYR B 115 8.62 -3.49 10.44
N CYS B 116 7.40 -3.53 9.91
CA CYS B 116 6.30 -4.25 10.47
C CYS B 116 6.19 -5.58 9.69
N THR B 117 5.93 -6.70 10.38
CA THR B 117 5.74 -8.02 9.73
C THR B 117 4.97 -8.95 10.64
N ALA B 118 4.44 -10.05 10.10
CA ALA B 118 3.71 -11.04 10.92
C ALA B 118 4.67 -12.15 11.34
N GLU B 119 4.24 -13.03 12.25
CA GLU B 119 5.09 -14.16 12.68
C GLU B 119 5.49 -15.09 11.52
N VAL B 120 4.65 -15.17 10.47
CA VAL B 120 4.95 -15.99 9.29
C VAL B 120 6.05 -15.35 8.47
N ALA B 121 6.23 -14.03 8.61
CA ALA B 121 7.40 -13.32 8.09
C ALA B 121 7.50 -13.36 6.57
N THR B 122 6.35 -13.44 5.91
CA THR B 122 6.28 -13.51 4.44
C THR B 122 6.01 -12.17 3.78
N ASP B 123 5.28 -11.30 4.50
CA ASP B 123 4.93 -9.98 3.99
C ASP B 123 5.53 -8.86 4.83
N TRP B 124 6.13 -7.91 4.12
CA TRP B 124 6.94 -6.86 4.72
C TRP B 124 6.51 -5.50 4.15
N GLY B 125 6.41 -4.48 5.01
CA GLY B 125 6.20 -3.13 4.51
C GLY B 125 7.47 -2.53 3.93
N GLN B 126 7.35 -1.29 3.45
CA GLN B 126 8.47 -0.57 2.88
C GLN B 126 9.43 -0.05 3.99
N GLY B 127 8.98 -0.06 5.25
CA GLY B 127 9.73 0.50 6.35
C GLY B 127 9.61 2.01 6.50
N VAL B 128 9.86 2.49 7.72
CA VAL B 128 10.05 3.92 8.00
C VAL B 128 11.36 4.19 8.74
N MET B 129 12.02 5.28 8.36
CA MET B 129 13.26 5.73 8.96
C MET B 129 12.95 6.54 10.22
N VAL B 130 13.59 6.16 11.34
CA VAL B 130 13.53 6.89 12.61
C VAL B 130 14.98 7.32 12.93
N THR B 131 15.24 8.63 12.92
CA THR B 131 16.58 9.17 13.22
C THR B 131 16.51 9.84 14.56
N VAL B 132 17.37 9.45 15.50
CA VAL B 132 17.40 10.07 16.83
C VAL B 132 18.70 10.84 16.92
N SER B 133 18.57 12.16 17.00
CA SER B 133 19.74 13.04 16.99
C SER B 133 19.36 14.40 17.55
N SER B 134 20.36 15.04 18.17
CA SER B 134 20.18 16.38 18.70
C SER B 134 20.47 17.39 17.60
N ALA B 135 21.03 16.96 16.47
CA ALA B 135 21.27 17.88 15.36
C ALA B 135 19.93 18.28 14.71
N GLU B 136 19.83 19.51 14.26
CA GLU B 136 18.59 19.94 13.66
C GLU B 136 18.65 19.73 12.14
N THR B 137 17.49 19.77 11.51
CA THR B 137 17.37 19.59 10.08
C THR B 137 18.05 20.65 9.26
N THR B 138 18.78 20.25 8.23
CA THR B 138 19.36 21.18 7.28
C THR B 138 19.04 20.66 5.90
N ALA B 139 18.42 21.50 5.08
CA ALA B 139 18.10 21.19 3.67
C ALA B 139 19.39 21.17 2.87
N PRO B 140 19.48 20.29 1.86
CA PRO B 140 20.73 20.30 1.05
C PRO B 140 20.82 21.48 0.11
N SER B 141 22.05 21.86 -0.23
CA SER B 141 22.30 22.69 -1.39
C SER B 141 22.61 21.73 -2.54
N VAL B 142 21.98 21.97 -3.70
CA VAL B 142 22.12 21.09 -4.83
C VAL B 142 22.86 21.80 -5.92
N TYR B 143 23.99 21.25 -6.34
CA TYR B 143 24.77 21.91 -7.37
C TYR B 143 25.01 21.04 -8.58
N PRO B 144 25.06 21.66 -9.78
CA PRO B 144 25.24 20.82 -10.95
C PRO B 144 26.68 20.37 -11.12
N LEU B 145 26.84 19.18 -11.71
CA LEU B 145 28.12 18.72 -12.22
C LEU B 145 28.06 18.62 -13.75
N ALA B 146 28.69 19.59 -14.42
CA ALA B 146 28.73 19.68 -15.90
C ALA B 146 30.18 19.68 -16.42
N PRO B 147 30.46 19.01 -17.58
CA PRO B 147 31.82 18.80 -18.13
C PRO B 147 32.86 19.94 -18.02
N SER B 155 30.76 9.63 -28.28
CA SER B 155 30.90 10.46 -27.06
C SER B 155 29.68 10.36 -26.13
N MET B 156 29.95 9.90 -24.92
CA MET B 156 29.00 9.91 -23.82
C MET B 156 29.41 11.06 -22.93
N VAL B 157 28.46 11.63 -22.20
CA VAL B 157 28.77 12.64 -21.20
C VAL B 157 28.24 12.20 -19.84
N THR B 158 29.05 12.43 -18.82
CA THR B 158 28.65 12.22 -17.44
C THR B 158 28.29 13.54 -16.80
N LEU B 159 27.07 13.60 -16.30
CA LEU B 159 26.54 14.76 -15.63
C LEU B 159 26.24 14.36 -14.20
N GLY B 160 26.02 15.33 -13.34
CA GLY B 160 25.61 14.96 -12.01
C GLY B 160 25.10 16.08 -11.19
N CYS B 161 24.71 15.70 -9.97
CA CYS B 161 24.26 16.63 -8.94
C CYS B 161 25.04 16.38 -7.67
N LEU B 162 25.54 17.46 -7.08
CA LEU B 162 26.21 17.42 -5.79
C LEU B 162 25.20 17.85 -4.74
N VAL B 163 24.85 16.93 -3.87
CA VAL B 163 23.83 17.19 -2.87
C VAL B 163 24.57 17.39 -1.55
N LYS B 164 24.83 18.65 -1.24
CA LYS B 164 25.78 18.97 -0.19
C LYS B 164 25.16 19.59 1.05
N GLY B 165 25.60 19.12 2.23
CA GLY B 165 25.38 19.83 3.48
C GLY B 165 24.03 19.64 4.11
N TYR B 166 23.53 18.40 4.14
CA TYR B 166 22.20 18.15 4.69
C TYR B 166 22.21 17.26 5.91
N PHE B 167 21.12 17.35 6.67
CA PHE B 167 20.89 16.48 7.80
C PHE B 167 19.38 16.42 8.05
N PRO B 168 18.83 15.26 8.40
CA PRO B 168 19.41 13.91 8.45
C PRO B 168 19.33 13.23 7.08
N GLU B 169 19.78 11.98 7.02
CA GLU B 169 19.42 11.04 5.95
C GLU B 169 17.92 10.68 6.06
N PRO B 170 17.24 10.35 4.96
CA PRO B 170 17.71 10.25 3.58
C PRO B 170 17.36 11.44 2.69
N VAL B 171 17.94 11.44 1.50
CA VAL B 171 17.39 12.18 0.36
C VAL B 171 16.97 11.14 -0.70
N THR B 172 16.10 11.51 -1.62
CA THR B 172 15.85 10.68 -2.81
C THR B 172 16.21 11.51 -4.05
N VAL B 173 17.02 10.94 -4.94
CA VAL B 173 17.43 11.65 -6.14
C VAL B 173 16.85 10.89 -7.34
N THR B 174 16.20 11.61 -8.25
CA THR B 174 15.75 11.04 -9.54
C THR B 174 16.28 11.91 -10.66
N TRP B 175 16.30 11.37 -11.87
CA TRP B 175 16.69 12.13 -13.05
C TRP B 175 15.50 12.17 -14.01
N ASN B 176 15.20 13.36 -14.52
CA ASN B 176 13.99 13.62 -15.31
C ASN B 176 12.75 12.97 -14.69
N SER B 177 12.57 13.18 -13.38
CA SER B 177 11.43 12.69 -12.61
C SER B 177 11.30 11.18 -12.56
N GLY B 178 12.38 10.46 -12.90
CA GLY B 178 12.32 9.02 -12.91
C GLY B 178 12.38 8.43 -14.31
N ALA B 179 12.17 9.25 -15.34
CA ALA B 179 12.18 8.77 -16.73
C ALA B 179 13.60 8.37 -17.18
N LEU B 180 14.62 9.00 -16.60
CA LEU B 180 16.00 8.64 -16.87
C LEU B 180 16.50 7.78 -15.72
N SER B 181 16.56 6.47 -15.91
CA SER B 181 16.98 5.55 -14.83
C SER B 181 18.21 4.67 -15.09
N SER B 182 18.69 4.61 -16.33
CA SER B 182 19.90 3.83 -16.61
C SER B 182 21.15 4.71 -16.66
N GLY B 183 22.29 4.09 -16.34
CA GLY B 183 23.58 4.79 -16.33
C GLY B 183 23.69 5.75 -15.15
N VAL B 184 22.88 5.50 -14.12
CA VAL B 184 22.82 6.31 -12.89
C VAL B 184 23.69 5.69 -11.81
N HIS B 185 24.53 6.51 -11.18
CA HIS B 185 25.23 6.11 -9.95
C HIS B 185 24.79 6.95 -8.78
N THR B 186 24.47 6.29 -7.67
CA THR B 186 24.19 6.98 -6.40
C THR B 186 25.37 6.73 -5.48
N PHE B 187 26.08 7.80 -5.12
CA PHE B 187 27.22 7.67 -4.22
C PHE B 187 26.68 7.85 -2.81
N PRO B 188 26.75 6.78 -1.98
CA PRO B 188 26.12 6.82 -0.64
C PRO B 188 26.60 8.02 0.16
N ALA B 189 25.70 8.57 0.98
CA ALA B 189 25.99 9.76 1.75
C ALA B 189 27.14 9.52 2.73
N VAL B 190 28.00 10.51 2.91
CA VAL B 190 29.04 10.49 3.93
C VAL B 190 28.86 11.68 4.87
N LEU B 191 28.85 11.37 6.17
CA LEU B 191 28.79 12.36 7.26
C LEU B 191 30.13 13.01 7.52
N GLN B 192 30.17 14.33 7.45
CA GLN B 192 31.33 15.12 7.80
C GLN B 192 30.90 16.42 8.46
N SER B 193 31.45 16.67 9.65
CA SER B 193 31.13 17.85 10.50
C SER B 193 29.65 17.97 10.78
N GLY B 194 28.98 16.86 11.03
CA GLY B 194 27.56 16.85 11.34
C GLY B 194 26.61 16.97 10.15
N LEU B 195 27.16 17.12 8.93
CA LEU B 195 26.35 17.24 7.71
C LEU B 195 26.72 16.19 6.65
N TYR B 196 25.72 15.76 5.87
CA TYR B 196 25.92 14.79 4.78
C TYR B 196 26.18 15.42 3.45
N THR B 197 26.93 14.70 2.63
CA THR B 197 27.10 15.03 1.23
C THR B 197 26.90 13.72 0.49
N LEU B 198 26.16 13.82 -0.62
CA LEU B 198 25.83 12.69 -1.48
C LEU B 198 25.98 13.20 -2.91
N THR B 199 26.35 12.30 -3.83
CA THR B 199 26.46 12.67 -5.22
C THR B 199 25.62 11.72 -6.01
N SER B 200 25.02 12.23 -7.08
CA SER B 200 24.40 11.39 -8.08
C SER B 200 24.94 11.79 -9.46
N SER B 201 25.29 10.78 -10.25
CA SER B 201 25.69 11.01 -11.63
C SER B 201 24.80 10.19 -12.57
N VAL B 202 24.69 10.66 -13.80
CA VAL B 202 24.00 9.96 -14.86
C VAL B 202 24.85 10.18 -16.12
N THR B 203 25.06 9.11 -16.87
CA THR B 203 25.85 9.16 -18.09
C THR B 203 24.91 8.95 -19.27
N VAL B 204 24.90 9.89 -20.21
CA VAL B 204 23.93 9.86 -21.30
C VAL B 204 24.64 10.08 -22.63
N PRO B 205 24.01 9.64 -23.75
CA PRO B 205 24.55 10.02 -25.06
C PRO B 205 24.71 11.53 -25.19
N SER B 206 25.82 11.94 -25.79
CA SER B 206 26.12 13.35 -26.01
C SER B 206 25.01 14.09 -26.78
N SER B 207 24.33 13.38 -27.68
CA SER B 207 23.21 13.92 -28.45
C SER B 207 21.91 14.11 -27.62
N THR B 208 21.62 13.16 -26.71
CA THR B 208 20.50 13.27 -25.74
C THR B 208 20.54 14.60 -25.00
N TRP B 209 21.71 14.89 -24.41
CA TRP B 209 21.99 16.19 -23.85
C TRP B 209 22.16 17.16 -25.01
N SER B 210 21.80 18.42 -24.78
CA SER B 210 21.71 19.45 -25.85
C SER B 210 20.73 19.06 -27.00
N SER B 211 19.72 18.29 -26.66
CA SER B 211 18.51 18.14 -27.48
C SER B 211 17.29 17.97 -26.58
N GLN B 212 17.54 17.54 -25.33
CA GLN B 212 16.52 17.60 -24.28
C GLN B 212 17.14 17.84 -22.90
N ALA B 213 16.34 18.39 -21.99
CA ALA B 213 16.79 18.76 -20.65
C ALA B 213 17.22 17.51 -19.84
N VAL B 214 18.30 17.65 -19.08
CA VAL B 214 18.66 16.67 -18.05
C VAL B 214 18.59 17.38 -16.69
N THR B 215 17.75 16.86 -15.80
CA THR B 215 17.40 17.50 -14.53
C THR B 215 17.44 16.48 -13.41
N CYS B 216 18.11 16.85 -12.31
CA CYS B 216 18.05 15.99 -11.15
C CYS B 216 17.02 16.58 -10.23
N ASN B 217 16.27 15.70 -9.56
CA ASN B 217 15.24 16.09 -8.64
C ASN B 217 15.64 15.56 -7.27
N VAL B 218 15.75 16.45 -6.29
CA VAL B 218 16.27 16.05 -4.95
C VAL B 218 15.26 16.28 -3.84
N ALA B 219 14.69 15.21 -3.29
CA ALA B 219 13.74 15.35 -2.20
C ALA B 219 14.46 15.10 -0.89
N HIS B 220 14.24 15.99 0.08
CA HIS B 220 14.73 15.77 1.45
C HIS B 220 13.56 15.82 2.40
N PRO B 221 12.98 14.65 2.76
CA PRO B 221 11.76 14.64 3.57
C PRO B 221 11.84 15.49 4.86
N ALA B 222 12.96 15.41 5.58
CA ALA B 222 13.05 16.06 6.91
C ALA B 222 12.92 17.59 6.88
N SER B 223 13.48 18.22 5.85
CA SER B 223 13.39 19.66 5.64
C SER B 223 12.19 20.07 4.76
N SER B 224 11.38 19.09 4.31
CA SER B 224 10.21 19.36 3.43
C SER B 224 10.63 20.10 2.16
N THR B 225 11.79 19.76 1.62
CA THR B 225 12.23 20.41 0.41
C THR B 225 12.30 19.40 -0.74
N LYS B 226 11.96 19.88 -1.93
CA LYS B 226 12.24 19.16 -3.16
C LYS B 226 12.67 20.14 -4.22
N VAL B 227 13.85 19.92 -4.74
CA VAL B 227 14.54 20.89 -5.57
C VAL B 227 14.82 20.22 -6.90
N ASP B 228 14.73 20.98 -7.98
CA ASP B 228 15.16 20.50 -9.30
C ASP B 228 16.35 21.28 -9.76
N LYS B 229 17.31 20.60 -10.40
CA LYS B 229 18.44 21.31 -10.95
C LYS B 229 18.67 20.81 -12.35
N LYS B 230 18.44 21.70 -13.33
CA LYS B 230 18.72 21.40 -14.73
C LYS B 230 20.24 21.48 -14.97
N ILE B 231 20.82 20.46 -15.59
CA ILE B 231 22.23 20.48 -15.90
C ILE B 231 22.47 21.08 -17.29
N ILE B 232 23.13 22.23 -17.30
CA ILE B 232 23.48 22.95 -18.54
C ILE B 232 25.00 23.10 -18.68
N VAL B 233 25.47 23.37 -19.90
CA VAL B 233 26.92 23.44 -20.22
C VAL B 233 27.62 24.66 -19.52
N PRO B 234 28.95 24.91 -19.75
CA PRO B 234 29.93 25.30 -18.72
C PRO B 234 29.63 24.91 -17.28
N ASP C 21 15.65 -17.09 22.80
CA ASP C 21 15.34 -17.00 21.34
C ASP C 21 16.12 -18.05 20.58
N VAL C 22 15.58 -18.45 19.42
CA VAL C 22 16.25 -19.39 18.51
C VAL C 22 17.39 -18.70 17.80
N VAL C 23 18.55 -19.37 17.78
CA VAL C 23 19.72 -18.84 17.09
C VAL C 23 19.79 -19.47 15.69
N LEU C 24 19.87 -18.60 14.68
CA LEU C 24 20.06 -19.03 13.29
C LEU C 24 21.45 -18.66 12.93
N THR C 25 22.22 -19.68 12.52
CA THR C 25 23.62 -19.53 12.16
C THR C 25 23.69 -19.66 10.67
N GLN C 26 24.09 -18.59 10.02
CA GLN C 26 24.11 -18.53 8.58
C GLN C 26 25.56 -18.54 8.09
N ALA C 27 25.83 -19.27 7.01
CA ALA C 27 27.18 -19.35 6.48
C ALA C 27 27.13 -19.49 4.95
N PRO C 28 28.11 -18.89 4.24
CA PRO C 28 29.22 -18.07 4.74
C PRO C 28 28.76 -16.62 4.96
N PRO C 29 29.54 -15.81 5.72
CA PRO C 29 29.17 -14.37 5.83
C PRO C 29 29.23 -13.61 4.48
N THR C 30 30.16 -13.99 3.61
CA THR C 30 30.25 -13.39 2.26
C THR C 30 30.54 -14.48 1.24
N LEU C 31 30.08 -14.23 0.04
CA LEU C 31 30.16 -15.16 -1.05
C LEU C 31 30.57 -14.35 -2.26
N SER C 32 31.65 -14.76 -2.90
CA SER C 32 32.11 -14.11 -4.11
C SER C 32 31.91 -15.12 -5.22
N ALA C 33 31.22 -14.73 -6.30
CA ALA C 33 30.89 -15.68 -7.37
C ALA C 33 30.75 -15.00 -8.74
N THR C 34 31.11 -15.70 -9.79
CA THR C 34 30.98 -15.16 -11.16
C THR C 34 29.58 -15.40 -11.72
N ILE C 35 29.20 -14.56 -12.68
CA ILE C 35 27.95 -14.69 -13.43
C ILE C 35 27.90 -16.09 -14.05
N GLY C 36 26.78 -16.79 -13.85
CA GLY C 36 26.64 -18.14 -14.40
C GLY C 36 27.00 -19.25 -13.43
N GLN C 37 27.76 -18.95 -12.37
CA GLN C 37 28.06 -19.94 -11.32
C GLN C 37 26.85 -20.36 -10.53
N SER C 38 26.92 -21.54 -9.95
CA SER C 38 25.94 -21.96 -8.96
C SER C 38 26.45 -21.76 -7.54
N VAL C 39 25.58 -21.32 -6.63
CA VAL C 39 25.97 -21.08 -5.24
C VAL C 39 24.97 -21.64 -4.27
N SER C 40 25.44 -21.77 -3.04
CA SER C 40 24.67 -22.32 -1.96
C SER C 40 24.87 -21.53 -0.67
N ILE C 41 23.82 -21.36 0.14
CA ILE C 41 23.89 -20.68 1.45
C ILE C 41 23.24 -21.54 2.47
N SER C 42 23.85 -21.60 3.65
CA SER C 42 23.41 -22.46 4.72
C SER C 42 22.77 -21.69 5.87
N CYS C 43 21.71 -22.24 6.44
CA CYS C 43 21.13 -21.71 7.66
C CYS C 43 20.82 -22.86 8.60
N ARG C 44 21.42 -22.82 9.79
CA ARG C 44 21.27 -23.85 10.83
C ARG C 44 20.68 -23.24 12.09
N SER C 45 19.68 -23.92 12.66
CA SER C 45 18.99 -23.43 13.85
C SER C 45 19.38 -24.18 15.09
N SER C 46 19.24 -23.51 16.23
CA SER C 46 19.57 -24.06 17.54
C SER C 46 18.53 -25.10 17.97
N GLN C 47 17.34 -25.07 17.37
CA GLN C 47 16.37 -26.15 17.58
C GLN C 47 15.54 -26.33 16.32
N SER C 48 14.85 -27.47 16.25
CA SER C 48 14.05 -27.82 15.09
C SER C 48 13.03 -26.72 14.77
N LEU C 49 12.98 -26.36 13.49
CA LEU C 49 12.01 -25.40 13.00
C LEU C 49 10.70 -26.06 12.51
N LEU C 50 10.57 -27.38 12.69
CA LEU C 50 9.30 -28.05 12.44
C LEU C 50 8.26 -27.66 13.49
N HIS C 51 7.22 -26.96 13.09
CA HIS C 51 6.18 -26.62 14.06
C HIS C 51 5.27 -27.82 14.35
N ARG C 52 4.67 -27.82 15.54
CA ARG C 52 3.72 -28.88 15.91
C ARG C 52 2.53 -29.00 14.95
N ASN C 53 2.22 -27.94 14.19
CA ASN C 53 1.17 -27.99 13.17
C ASN C 53 1.63 -28.55 11.83
N GLY C 54 2.90 -28.96 11.75
CA GLY C 54 3.41 -29.58 10.53
C GLY C 54 4.10 -28.63 9.57
N ASN C 55 3.92 -27.32 9.73
CA ASN C 55 4.67 -26.38 8.89
C ASN C 55 6.07 -26.09 9.45
N THR C 56 6.99 -25.71 8.57
CA THR C 56 8.32 -25.24 8.97
C THR C 56 8.51 -23.81 8.53
N TYR C 57 8.35 -22.88 9.47
CA TYR C 57 8.36 -21.43 9.19
C TYR C 57 9.76 -20.86 9.04
N LEU C 58 10.43 -21.29 7.96
CA LEU C 58 11.75 -20.80 7.61
C LEU C 58 11.69 -20.15 6.23
N ASN C 59 12.05 -18.87 6.15
CA ASN C 59 12.05 -18.14 4.88
C ASN C 59 13.44 -17.62 4.52
N TRP C 60 13.65 -17.35 3.23
CA TRP C 60 14.82 -16.64 2.76
C TRP C 60 14.43 -15.29 2.20
N LEU C 61 15.15 -14.25 2.65
CA LEU C 61 14.93 -12.88 2.20
C LEU C 61 16.15 -12.39 1.45
N LEU C 62 15.93 -11.49 0.49
CA LEU C 62 17.00 -10.75 -0.16
C LEU C 62 16.80 -9.26 0.09
N GLN C 63 17.91 -8.58 0.36
CA GLN C 63 17.89 -7.13 0.52
C GLN C 63 18.97 -6.47 -0.33
N ARG C 64 18.52 -5.63 -1.25
CA ARG C 64 19.41 -4.81 -2.06
C ARG C 64 19.64 -3.50 -1.30
N PRO C 65 20.80 -2.84 -1.49
CA PRO C 65 21.08 -1.71 -0.59
C PRO C 65 20.06 -0.58 -0.66
N GLY C 66 19.72 -0.01 0.49
CA GLY C 66 18.68 1.03 0.58
C GLY C 66 17.26 0.59 0.24
N GLN C 67 17.02 -0.72 0.20
CA GLN C 67 15.70 -1.26 -0.14
C GLN C 67 15.15 -2.08 1.01
N PRO C 68 13.82 -2.28 1.08
CA PRO C 68 13.33 -3.24 2.07
C PRO C 68 13.75 -4.70 1.77
N PRO C 69 13.71 -5.58 2.79
CA PRO C 69 13.88 -7.00 2.51
C PRO C 69 12.74 -7.50 1.64
N GLN C 70 13.06 -8.37 0.69
CA GLN C 70 12.09 -8.99 -0.22
C GLN C 70 12.10 -10.48 0.06
N LEU C 71 10.91 -11.07 0.06
CA LEU C 71 10.75 -12.50 0.22
C LEU C 71 11.17 -13.28 -1.03
N LEU C 72 12.06 -14.26 -0.86
CA LEU C 72 12.45 -15.12 -1.99
C LEU C 72 11.80 -16.45 -1.88
N ILE C 73 11.90 -17.07 -0.71
CA ILE C 73 11.43 -18.44 -0.47
C ILE C 73 10.74 -18.43 0.87
N TYR C 74 9.56 -19.07 0.95
CA TYR C 74 8.87 -19.18 2.22
C TYR C 74 8.59 -20.65 2.50
N LEU C 75 8.43 -21.00 3.78
CA LEU C 75 8.16 -22.39 4.22
C LEU C 75 9.14 -23.39 3.59
N VAL C 76 10.42 -23.09 3.78
CA VAL C 76 11.59 -23.90 3.35
C VAL C 76 11.88 -23.85 1.85
N SER C 77 10.83 -24.08 1.03
CA SER C 77 11.05 -24.34 -0.40
C SER C 77 10.08 -23.72 -1.42
N ARG C 78 9.14 -22.88 -0.97
CA ARG C 78 8.16 -22.32 -1.91
C ARG C 78 8.69 -21.01 -2.47
N LEU C 79 8.70 -20.86 -3.79
CA LEU C 79 9.12 -19.61 -4.41
C LEU C 79 8.05 -18.55 -4.30
N GLU C 80 8.43 -17.35 -3.90
CA GLU C 80 7.53 -16.24 -3.94
C GLU C 80 7.21 -15.89 -5.41
N SER C 81 5.92 -15.59 -5.62
CA SER C 81 5.42 -15.12 -6.90
C SER C 81 6.39 -14.10 -7.47
N GLY C 82 6.81 -14.31 -8.72
CA GLY C 82 7.69 -13.35 -9.42
C GLY C 82 9.18 -13.57 -9.18
N VAL C 83 9.54 -14.50 -8.29
CA VAL C 83 10.98 -14.83 -8.07
C VAL C 83 11.40 -15.89 -9.11
N PRO C 84 12.53 -15.65 -9.83
CA PRO C 84 13.02 -16.60 -10.86
C PRO C 84 13.24 -18.02 -10.32
N ASN C 85 12.97 -19.01 -11.17
CA ASN C 85 13.13 -20.46 -10.89
C ASN C 85 14.56 -20.89 -10.53
N ARG C 86 15.56 -20.08 -10.88
CA ARG C 86 16.96 -20.36 -10.52
C ARG C 86 17.23 -20.36 -9.00
N PHE C 87 16.28 -19.82 -8.20
CA PHE C 87 16.35 -19.80 -6.72
C PHE C 87 15.60 -21.00 -6.18
N SER C 88 16.19 -21.77 -5.27
CA SER C 88 15.43 -22.82 -4.61
C SER C 88 15.89 -22.99 -3.18
N GLY C 89 15.00 -23.50 -2.32
CA GLY C 89 15.36 -23.74 -0.92
C GLY C 89 15.02 -25.16 -0.57
N SER C 90 15.78 -25.75 0.35
CA SER C 90 15.47 -27.08 0.85
C SER C 90 15.97 -27.20 2.28
N GLY C 91 15.81 -28.39 2.86
CA GLY C 91 16.24 -28.67 4.24
C GLY C 91 15.06 -29.07 5.10
N SER C 92 15.33 -29.42 6.36
CA SER C 92 14.30 -29.71 7.38
C SER C 92 14.98 -29.70 8.75
N GLY C 93 14.18 -29.71 9.81
CA GLY C 93 14.69 -29.78 11.18
C GLY C 93 15.50 -28.56 11.54
N THR C 94 16.83 -28.74 11.54
CA THR C 94 17.75 -27.71 11.98
C THR C 94 18.67 -27.24 10.87
N ALA C 95 18.51 -27.75 9.64
CA ALA C 95 19.48 -27.42 8.59
C ALA C 95 18.80 -27.07 7.25
N PHE C 96 19.13 -25.91 6.70
CA PHE C 96 18.42 -25.38 5.51
C PHE C 96 19.42 -24.81 4.57
N THR C 97 19.09 -24.88 3.28
CA THR C 97 19.94 -24.36 2.21
C THR C 97 19.16 -23.54 1.19
N LEU C 98 19.69 -22.39 0.81
CA LEU C 98 19.26 -21.68 -0.39
C LEU C 98 20.27 -21.93 -1.50
N LYS C 99 19.78 -22.22 -2.70
CA LYS C 99 20.63 -22.47 -3.86
C LYS C 99 20.28 -21.54 -5.01
N ILE C 100 21.28 -21.04 -5.69
CA ILE C 100 21.07 -20.21 -6.87
C ILE C 100 21.78 -20.91 -8.04
N SER C 101 21.01 -21.39 -9.02
CA SER C 101 21.62 -22.11 -10.12
C SER C 101 21.76 -21.19 -11.31
N GLY C 102 22.99 -20.75 -11.57
CA GLY C 102 23.27 -19.88 -12.69
C GLY C 102 23.00 -18.43 -12.33
N LEU C 103 23.84 -17.88 -11.45
CA LEU C 103 23.55 -16.58 -10.93
C LEU C 103 23.67 -15.47 -11.97
N GLU C 104 22.86 -14.44 -11.79
CA GLU C 104 22.84 -13.28 -12.71
C GLU C 104 23.33 -12.06 -11.96
N ALA C 105 23.80 -11.07 -12.73
CA ALA C 105 24.35 -9.84 -12.17
C ALA C 105 23.42 -9.24 -11.12
N GLU C 106 22.11 -9.31 -11.35
CA GLU C 106 21.16 -8.66 -10.43
C GLU C 106 20.84 -9.46 -9.15
N ASP C 107 21.45 -10.63 -8.97
CA ASP C 107 21.25 -11.44 -7.75
C ASP C 107 22.07 -10.94 -6.56
N LEU C 108 22.91 -9.92 -6.76
CA LEU C 108 23.79 -9.42 -5.72
C LEU C 108 23.01 -8.78 -4.57
N GLY C 109 23.62 -8.77 -3.40
CA GLY C 109 22.91 -8.25 -2.21
C GLY C 109 23.13 -9.12 -1.00
N VAL C 110 22.32 -8.89 0.03
CA VAL C 110 22.43 -9.61 1.30
C VAL C 110 21.24 -10.53 1.49
N TYR C 111 21.52 -11.82 1.65
CA TYR C 111 20.52 -12.84 1.89
C TYR C 111 20.40 -13.14 3.38
N TYR C 112 19.17 -13.21 3.89
CA TYR C 112 18.94 -13.55 5.29
C TYR C 112 18.00 -14.71 5.36
N CYS C 113 18.25 -15.62 6.29
CA CYS C 113 17.18 -16.56 6.66
C CYS C 113 16.44 -15.98 7.88
N VAL C 114 15.17 -16.33 8.03
CA VAL C 114 14.33 -15.87 9.14
C VAL C 114 13.45 -17.03 9.55
N GLN C 115 13.25 -17.22 10.84
CA GLN C 115 12.35 -18.26 11.32
C GLN C 115 11.23 -17.65 12.12
N GLY C 116 10.04 -18.24 11.99
CA GLY C 116 8.90 -17.80 12.76
C GLY C 116 8.25 -18.94 13.47
N THR C 117 8.87 -20.11 13.47
CA THR C 117 8.31 -21.29 14.15
C THR C 117 8.19 -21.07 15.66
N HIS C 118 9.28 -20.58 16.25
CA HIS C 118 9.34 -20.31 17.71
C HIS C 118 9.45 -18.81 17.91
N ALA C 119 8.43 -18.24 18.55
CA ALA C 119 8.44 -16.83 18.90
C ALA C 119 9.55 -16.55 19.95
N PRO C 120 10.30 -15.45 19.81
CA PRO C 120 10.12 -14.38 18.80
C PRO C 120 10.75 -14.77 17.50
N LEU C 121 10.32 -14.13 16.42
CA LEU C 121 11.00 -14.34 15.18
C LEU C 121 12.47 -13.89 15.26
N THR C 122 13.35 -14.66 14.62
CA THR C 122 14.78 -14.35 14.63
C THR C 122 15.40 -14.55 13.24
N PHE C 123 16.57 -13.95 13.04
CA PHE C 123 17.22 -13.85 11.73
C PHE C 123 18.63 -14.38 11.80
N GLY C 124 19.09 -14.96 10.70
CA GLY C 124 20.50 -15.16 10.45
C GLY C 124 21.19 -13.82 10.33
N SER C 125 22.50 -13.81 10.48
CA SER C 125 23.24 -12.53 10.39
C SER C 125 23.55 -12.12 8.93
N GLY C 126 23.13 -12.94 7.96
CA GLY C 126 23.15 -12.52 6.55
C GLY C 126 24.36 -13.00 5.79
N THR C 127 24.18 -13.22 4.48
CA THR C 127 25.27 -13.53 3.57
C THR C 127 25.32 -12.44 2.50
N LYS C 128 26.46 -11.77 2.39
CA LYS C 128 26.68 -10.81 1.32
C LYS C 128 27.22 -11.49 0.08
N LEU C 129 26.40 -11.50 -0.98
CA LEU C 129 26.80 -12.00 -2.28
C LEU C 129 27.36 -10.89 -3.17
N GLU C 130 28.62 -11.01 -3.54
CA GLU C 130 29.34 -10.10 -4.45
C GLU C 130 29.62 -10.82 -5.76
N ILE C 131 29.64 -10.08 -6.87
CA ILE C 131 29.98 -10.66 -8.17
C ILE C 131 31.47 -10.47 -8.44
N LYS C 132 32.12 -11.55 -8.83
CA LYS C 132 33.47 -11.49 -9.31
C LYS C 132 33.37 -11.32 -10.82
N ARG C 133 34.19 -10.42 -11.36
CA ARG C 133 34.16 -10.16 -12.79
C ARG C 133 35.55 -9.71 -13.22
N ALA C 134 35.70 -9.45 -14.52
CA ALA C 134 36.98 -9.01 -15.07
C ALA C 134 37.33 -7.62 -14.59
N ASP C 135 38.63 -7.33 -14.51
CA ASP C 135 39.15 -6.00 -14.20
C ASP C 135 38.60 -4.96 -15.17
N ALA C 136 38.35 -3.76 -14.68
CA ALA C 136 37.87 -2.66 -15.51
C ALA C 136 38.48 -1.39 -14.97
N ALA C 137 39.13 -0.63 -15.85
CA ALA C 137 39.74 0.65 -15.47
C ALA C 137 38.66 1.71 -15.22
N PRO C 138 38.88 2.63 -14.26
CA PRO C 138 37.87 3.68 -14.07
C PRO C 138 37.83 4.68 -15.24
N THR C 139 36.64 5.20 -15.51
CA THR C 139 36.47 6.39 -16.35
C THR C 139 36.45 7.58 -15.39
N VAL C 140 37.48 8.41 -15.48
CA VAL C 140 37.70 9.47 -14.52
C VAL C 140 37.29 10.81 -15.10
N SER C 141 36.47 11.57 -14.38
CA SER C 141 36.25 12.93 -14.77
C SER C 141 36.26 13.94 -13.63
N ILE C 142 36.69 15.15 -13.96
CA ILE C 142 36.84 16.23 -13.02
C ILE C 142 35.87 17.38 -13.29
N PHE C 143 35.28 17.90 -12.22
CA PHE C 143 34.32 18.99 -12.31
C PHE C 143 34.76 20.18 -11.46
N PRO C 144 34.88 21.37 -12.12
CA PRO C 144 35.04 22.63 -11.40
C PRO C 144 33.81 22.90 -10.53
N PRO C 145 33.94 23.80 -9.53
CA PRO C 145 32.77 24.25 -8.80
C PRO C 145 31.81 24.94 -9.74
N SER C 146 30.54 24.93 -9.38
CA SER C 146 29.50 25.58 -10.14
C SER C 146 29.48 27.05 -9.75
N THR C 147 29.06 27.89 -10.70
CA THR C 147 28.76 29.31 -10.45
C THR C 147 27.87 29.47 -9.24
N GLU C 148 26.80 28.67 -9.18
CA GLU C 148 25.81 28.68 -8.09
C GLU C 148 26.50 28.56 -6.72
N GLN C 149 27.38 27.55 -6.58
CA GLN C 149 28.08 27.34 -5.33
C GLN C 149 29.05 28.49 -5.03
N LEU C 150 29.90 28.81 -6.01
CA LEU C 150 30.90 29.91 -5.91
C LEU C 150 30.27 31.20 -5.43
N ALA C 151 29.13 31.54 -6.03
CA ALA C 151 28.31 32.68 -5.65
C ALA C 151 27.92 32.75 -4.18
N THR C 152 27.91 31.60 -3.49
CA THR C 152 27.64 31.60 -2.03
C THR C 152 28.92 31.58 -1.17
N GLY C 153 30.10 31.70 -1.78
CA GLY C 153 31.37 31.72 -1.01
C GLY C 153 32.06 30.37 -0.81
N GLY C 154 31.40 29.29 -1.26
CA GLY C 154 31.95 27.93 -1.17
C GLY C 154 32.45 27.43 -2.51
N ALA C 155 33.26 26.38 -2.49
CA ALA C 155 33.75 25.75 -3.70
C ALA C 155 34.02 24.27 -3.46
N SER C 156 33.44 23.41 -4.30
CA SER C 156 33.75 22.00 -4.23
C SER C 156 34.21 21.54 -5.60
N VAL C 157 35.34 20.85 -5.66
CA VAL C 157 35.86 20.30 -6.90
C VAL C 157 35.59 18.79 -6.81
N VAL C 158 35.08 18.20 -7.89
CA VAL C 158 34.64 16.80 -7.85
C VAL C 158 35.39 15.96 -8.86
N CYS C 159 35.82 14.80 -8.38
CA CYS C 159 36.44 13.80 -9.21
C CYS C 159 35.60 12.52 -9.14
N LEU C 160 35.16 12.05 -10.30
CA LEU C 160 34.40 10.80 -10.38
C LEU C 160 35.22 9.73 -11.05
N MET C 161 35.17 8.54 -10.50
CA MET C 161 35.88 7.38 -11.04
C MET C 161 34.79 6.37 -11.25
N ASN C 162 34.40 6.17 -12.51
CA ASN C 162 33.18 5.38 -12.77
C ASN C 162 33.42 4.01 -13.39
N ASN C 163 32.63 3.03 -12.95
CA ASN C 163 32.59 1.68 -13.56
C ASN C 163 33.94 0.94 -13.58
N PHE C 164 34.58 0.84 -12.41
CA PHE C 164 35.85 0.12 -12.27
C PHE C 164 35.68 -1.19 -11.51
N TYR C 165 36.68 -2.08 -11.63
CA TYR C 165 36.75 -3.34 -10.89
C TYR C 165 38.22 -3.80 -10.83
N PRO C 166 38.71 -4.28 -9.67
CA PRO C 166 38.06 -4.52 -8.40
C PRO C 166 37.83 -3.23 -7.58
N ARG C 167 37.25 -3.38 -6.39
CA ARG C 167 36.84 -2.24 -5.54
C ARG C 167 37.98 -1.31 -5.10
N ASP C 168 39.14 -1.90 -4.81
CA ASP C 168 40.28 -1.17 -4.32
C ASP C 168 40.75 -0.05 -5.27
N ILE C 169 40.75 1.18 -4.77
CA ILE C 169 41.15 2.34 -5.57
C ILE C 169 41.62 3.41 -4.59
N SER C 170 42.43 4.36 -5.04
CA SER C 170 42.72 5.54 -4.21
C SER C 170 42.82 6.80 -5.05
N VAL C 171 42.47 7.94 -4.44
CA VAL C 171 42.52 9.24 -5.10
C VAL C 171 43.40 10.16 -4.32
N LYS C 172 44.10 11.03 -5.03
CA LYS C 172 44.94 12.05 -4.44
C LYS C 172 44.60 13.39 -5.12
N TRP C 173 44.27 14.40 -4.33
CA TRP C 173 44.11 15.74 -4.86
C TRP C 173 45.41 16.52 -4.84
N LYS C 174 45.67 17.27 -5.92
CA LYS C 174 46.72 18.27 -5.91
C LYS C 174 46.19 19.63 -6.31
N ILE C 175 46.61 20.65 -5.57
CA ILE C 175 46.36 22.03 -5.92
C ILE C 175 47.70 22.72 -6.17
N ASP C 176 47.88 23.25 -7.38
CA ASP C 176 49.15 23.87 -7.81
C ASP C 176 50.37 22.97 -7.52
N GLY C 177 50.22 21.66 -7.75
CA GLY C 177 51.27 20.68 -7.46
C GLY C 177 51.32 20.19 -6.02
N THR C 178 50.71 20.92 -5.08
CA THR C 178 50.64 20.54 -3.65
C THR C 178 49.47 19.57 -3.35
N GLU C 179 49.79 18.42 -2.76
CA GLU C 179 48.80 17.47 -2.26
C GLU C 179 47.90 18.10 -1.19
N ARG C 180 46.60 17.86 -1.30
CA ARG C 180 45.63 18.31 -0.29
C ARG C 180 44.80 17.13 0.22
N ARG C 181 44.75 16.98 1.54
CA ARG C 181 44.01 15.88 2.17
C ARG C 181 42.79 16.33 2.97
N ASP C 182 42.82 17.55 3.51
CA ASP C 182 41.86 17.93 4.56
C ASP C 182 40.40 18.06 4.13
N GLY C 183 40.13 18.76 3.04
CA GLY C 183 38.71 19.01 2.67
C GLY C 183 38.06 17.94 1.81
N VAL C 184 38.40 16.66 2.03
CA VAL C 184 38.09 15.59 1.05
C VAL C 184 37.00 14.65 1.57
N LEU C 185 35.98 14.42 0.74
CA LEU C 185 34.93 13.46 1.07
C LEU C 185 34.84 12.42 -0.05
N ASP C 186 35.07 11.16 0.33
CA ASP C 186 35.13 10.03 -0.59
C ASP C 186 33.96 9.12 -0.37
N SER C 187 33.40 8.62 -1.46
CA SER C 187 32.23 7.74 -1.37
C SER C 187 32.26 6.71 -2.49
N VAL C 188 32.16 5.44 -2.13
CA VAL C 188 32.17 4.35 -3.13
C VAL C 188 30.77 3.77 -3.23
N THR C 189 30.28 3.56 -4.45
CA THR C 189 28.95 2.98 -4.68
C THR C 189 28.90 1.51 -4.21
N ASP C 190 27.68 1.07 -3.89
CA ASP C 190 27.36 -0.35 -3.86
C ASP C 190 27.59 -0.93 -5.25
N GLN C 191 28.00 -2.19 -5.31
CA GLN C 191 28.29 -2.85 -6.59
C GLN C 191 27.12 -2.70 -7.55
N ASP C 192 27.41 -2.39 -8.80
CA ASP C 192 26.35 -2.17 -9.77
C ASP C 192 25.56 -3.46 -10.10
N SER C 193 24.24 -3.39 -10.03
CA SER C 193 23.35 -4.53 -10.29
C SER C 193 23.36 -5.00 -11.75
N LYS C 194 23.88 -4.16 -12.65
CA LYS C 194 23.87 -4.47 -14.07
C LYS C 194 25.25 -4.90 -14.59
N ASP C 195 26.29 -4.10 -14.35
CA ASP C 195 27.62 -4.45 -14.88
C ASP C 195 28.62 -4.92 -13.80
N SER C 196 28.18 -5.01 -12.54
CA SER C 196 28.98 -5.55 -11.41
C SER C 196 30.23 -4.73 -11.05
N THR C 197 30.28 -3.47 -11.49
CA THR C 197 31.39 -2.56 -11.21
C THR C 197 31.13 -1.69 -9.99
N TYR C 198 32.16 -0.95 -9.61
CA TYR C 198 32.07 0.06 -8.55
C TYR C 198 32.31 1.42 -9.17
N SER C 199 31.84 2.46 -8.50
CA SER C 199 32.22 3.80 -8.85
C SER C 199 32.60 4.55 -7.57
N MET C 200 33.43 5.58 -7.72
CA MET C 200 33.78 6.39 -6.58
C MET C 200 33.66 7.89 -6.88
N SER C 201 33.19 8.62 -5.88
CA SER C 201 33.16 10.07 -5.95
C SER C 201 34.14 10.61 -4.92
N SER C 202 34.88 11.63 -5.29
CA SER C 202 35.74 12.35 -4.37
C SER C 202 35.49 13.85 -4.50
N THR C 203 35.15 14.49 -3.38
CA THR C 203 34.84 15.89 -3.38
C THR C 203 35.79 16.67 -2.46
N LEU C 204 36.55 17.59 -3.07
CA LEU C 204 37.44 18.48 -2.37
C LEU C 204 36.80 19.86 -2.22
N SER C 205 36.58 20.28 -0.98
CA SER C 205 35.92 21.56 -0.66
C SER C 205 36.88 22.58 -0.04
N LEU C 206 36.72 23.84 -0.44
CA LEU C 206 37.51 24.97 0.01
C LEU C 206 36.68 26.24 -0.14
N THR C 207 37.13 27.35 0.42
CA THR C 207 36.40 28.59 0.27
C THR C 207 36.56 29.09 -1.18
N LYS C 208 35.63 29.93 -1.62
CA LYS C 208 35.71 30.61 -2.92
C LYS C 208 37.01 31.44 -3.03
N ALA C 209 37.26 32.28 -2.02
CA ALA C 209 38.49 33.07 -1.96
C ALA C 209 39.73 32.20 -2.16
N ASP C 210 39.77 31.03 -1.52
CA ASP C 210 40.94 30.17 -1.70
C ASP C 210 40.97 29.52 -3.06
N TYR C 211 39.81 29.05 -3.51
CA TYR C 211 39.69 28.45 -4.85
C TYR C 211 40.25 29.41 -5.91
N GLU C 212 39.91 30.69 -5.76
CA GLU C 212 40.32 31.71 -6.70
C GLU C 212 41.77 32.19 -6.56
N SER C 213 42.48 31.67 -5.56
CA SER C 213 43.87 32.04 -5.35
C SER C 213 44.82 30.96 -5.89
N HIS C 214 44.26 29.88 -6.42
CA HIS C 214 45.05 28.80 -7.00
C HIS C 214 44.63 28.54 -8.45
N ASN C 215 45.48 27.84 -9.20
CA ASN C 215 45.29 27.67 -10.64
C ASN C 215 45.02 26.23 -11.08
N LEU C 216 46.00 25.35 -10.86
CA LEU C 216 45.92 23.95 -11.26
C LEU C 216 45.20 23.08 -10.20
N TYR C 217 44.21 22.32 -10.66
CA TYR C 217 43.44 21.37 -9.85
C TYR C 217 43.51 19.99 -10.48
N THR C 218 44.04 19.04 -9.73
CA THR C 218 44.41 17.73 -10.25
C THR C 218 43.88 16.65 -9.32
N CYS C 219 43.23 15.63 -9.88
CA CYS C 219 43.00 14.39 -9.15
C CYS C 219 43.74 13.27 -9.84
N GLU C 220 44.40 12.46 -9.02
CA GLU C 220 45.21 11.36 -9.50
C GLU C 220 44.64 10.10 -8.95
N VAL C 221 44.46 9.13 -9.84
CA VAL C 221 43.72 7.94 -9.48
C VAL C 221 44.62 6.73 -9.66
N VAL C 222 44.77 5.97 -8.58
CA VAL C 222 45.55 4.75 -8.59
C VAL C 222 44.63 3.54 -8.46
N HIS C 223 44.79 2.60 -9.38
CA HIS C 223 43.98 1.39 -9.47
C HIS C 223 44.83 0.34 -10.16
N LYS C 224 44.56 -0.93 -9.88
CA LYS C 224 45.42 -2.02 -10.36
C LYS C 224 45.51 -2.14 -11.90
N THR C 225 44.49 -1.63 -12.59
CA THR C 225 44.44 -1.66 -14.05
C THR C 225 45.49 -0.75 -14.71
N SER C 226 46.26 -0.02 -13.91
CA SER C 226 47.31 0.88 -14.42
C SER C 226 48.50 1.01 -13.45
N SER C 227 49.72 0.87 -14.00
CA SER C 227 50.95 0.99 -13.21
C SER C 227 51.27 2.46 -12.89
N SER C 228 50.84 3.38 -13.74
CA SER C 228 50.90 4.83 -13.46
C SER C 228 49.51 5.40 -13.11
N PRO C 229 49.45 6.50 -12.32
CA PRO C 229 48.15 7.13 -11.99
C PRO C 229 47.41 7.69 -13.21
N VAL C 230 46.08 7.56 -13.20
CA VAL C 230 45.23 8.31 -14.15
C VAL C 230 45.07 9.73 -13.59
N VAL C 231 45.45 10.71 -14.39
CA VAL C 231 45.50 12.11 -13.98
C VAL C 231 44.48 12.93 -14.78
N LYS C 232 43.60 13.63 -14.07
CA LYS C 232 42.68 14.58 -14.67
C LYS C 232 42.81 15.93 -14.01
N SER C 233 42.95 16.98 -14.82
CA SER C 233 43.17 18.35 -14.34
C SER C 233 42.30 19.34 -15.03
N PHE C 234 42.12 20.48 -14.38
CA PHE C 234 41.70 21.67 -15.07
C PHE C 234 42.45 22.88 -14.51
N ASN C 235 42.62 23.88 -15.35
CA ASN C 235 43.18 25.14 -14.95
C ASN C 235 42.09 26.18 -14.84
N ARG C 236 41.98 26.79 -13.67
CA ARG C 236 40.97 27.80 -13.45
C ARG C 236 41.40 29.07 -14.20
N ASP D 21 -17.50 24.04 -13.99
CA ASP D 21 -16.91 22.70 -14.13
C ASP D 21 -17.50 22.04 -15.39
N VAL D 22 -16.71 21.17 -16.00
CA VAL D 22 -17.16 20.40 -17.16
C VAL D 22 -18.25 19.42 -16.69
N VAL D 23 -19.38 19.40 -17.39
CA VAL D 23 -20.48 18.51 -17.08
C VAL D 23 -20.33 17.25 -17.96
N LEU D 24 -20.33 16.07 -17.36
CA LEU D 24 -20.31 14.79 -18.13
C LEU D 24 -21.71 14.20 -17.96
N THR D 25 -22.43 14.13 -19.06
CA THR D 25 -23.76 13.55 -19.11
C THR D 25 -23.62 12.10 -19.54
N GLN D 26 -23.96 11.20 -18.62
CA GLN D 26 -23.76 9.78 -18.84
C GLN D 26 -25.14 9.15 -19.04
N ALA D 27 -25.26 8.18 -19.97
CA ALA D 27 -26.53 7.53 -20.27
C ALA D 27 -26.27 6.10 -20.80
N PRO D 28 -27.19 5.13 -20.53
CA PRO D 28 -28.42 5.26 -19.69
C PRO D 28 -28.06 5.13 -18.18
N PRO D 29 -29.00 5.46 -17.27
CA PRO D 29 -28.62 5.25 -15.86
C PRO D 29 -28.58 3.77 -15.45
N THR D 30 -29.29 2.89 -16.16
CA THR D 30 -29.25 1.44 -15.84
C THR D 30 -29.21 0.66 -17.13
N LEU D 31 -28.60 -0.51 -17.06
CA LEU D 31 -28.54 -1.41 -18.18
C LEU D 31 -28.91 -2.79 -17.65
N SER D 32 -29.52 -3.59 -18.49
CA SER D 32 -29.77 -5.00 -18.16
C SER D 32 -29.78 -5.86 -19.41
N ALA D 33 -29.06 -6.96 -19.34
CA ALA D 33 -28.86 -7.81 -20.51
C ALA D 33 -28.40 -9.16 -20.03
N THR D 34 -28.52 -10.15 -20.91
CA THR D 34 -28.12 -11.50 -20.56
C THR D 34 -26.60 -11.67 -20.82
N ILE D 35 -26.00 -12.68 -20.18
CA ILE D 35 -24.62 -13.13 -20.47
C ILE D 35 -24.48 -13.25 -21.98
N GLY D 36 -23.34 -12.79 -22.50
CA GLY D 36 -23.08 -12.93 -23.92
C GLY D 36 -23.58 -11.80 -24.77
N GLN D 37 -24.49 -10.98 -24.26
CA GLN D 37 -24.93 -9.79 -25.01
C GLN D 37 -23.99 -8.58 -24.93
N SER D 38 -24.13 -7.65 -25.86
CA SER D 38 -23.29 -6.44 -25.86
C SER D 38 -24.08 -5.28 -25.27
N VAL D 39 -23.41 -4.45 -24.49
CA VAL D 39 -24.01 -3.20 -23.96
C VAL D 39 -23.05 -2.02 -24.20
N SER D 40 -23.62 -0.81 -24.28
CA SER D 40 -22.86 0.45 -24.48
C SER D 40 -23.32 1.53 -23.54
N ILE D 41 -22.37 2.34 -23.07
CA ILE D 41 -22.65 3.48 -22.23
C ILE D 41 -22.06 4.72 -22.92
N SER D 42 -22.78 5.82 -22.82
CA SER D 42 -22.45 7.08 -23.48
C SER D 42 -21.99 8.09 -22.42
N CYS D 43 -20.94 8.85 -22.71
CA CYS D 43 -20.53 9.94 -21.84
C CYS D 43 -20.38 11.17 -22.72
N ARG D 44 -21.18 12.21 -22.46
CA ARG D 44 -21.18 13.39 -23.33
C ARG D 44 -20.78 14.61 -22.54
N SER D 45 -19.81 15.36 -23.06
CA SER D 45 -19.15 16.39 -22.35
C SER D 45 -19.65 17.78 -22.77
N SER D 46 -19.76 18.70 -21.82
CA SER D 46 -20.06 20.13 -22.10
C SER D 46 -18.88 20.89 -22.79
N GLN D 47 -17.70 20.30 -22.77
CA GLN D 47 -16.52 20.93 -23.36
C GLN D 47 -15.64 19.85 -24.02
N SER D 48 -14.93 20.18 -25.09
CA SER D 48 -13.99 19.20 -25.72
C SER D 48 -12.99 18.77 -24.71
N LEU D 49 -12.75 17.46 -24.66
CA LEU D 49 -11.80 16.89 -23.72
C LEU D 49 -10.42 16.69 -24.35
N LEU D 50 -10.23 17.12 -25.60
CA LEU D 50 -8.87 17.13 -26.17
C LEU D 50 -8.04 18.22 -25.48
N HIS D 51 -6.96 17.82 -24.82
CA HIS D 51 -6.08 18.78 -24.15
C HIS D 51 -5.12 19.44 -25.16
N ARG D 52 -4.64 20.64 -24.84
CA ARG D 52 -3.65 21.31 -25.70
C ARG D 52 -2.38 20.45 -25.90
N ASN D 53 -2.05 19.57 -24.95
CA ASN D 53 -0.91 18.67 -25.16
C ASN D 53 -1.18 17.49 -26.12
N GLY D 54 -2.41 17.35 -26.62
CA GLY D 54 -2.75 16.27 -27.53
C GLY D 54 -3.39 15.02 -26.96
N ASN D 55 -3.35 14.86 -25.64
CA ASN D 55 -4.03 13.75 -25.00
C ASN D 55 -5.49 14.11 -24.67
N THR D 56 -6.33 13.09 -24.53
CA THR D 56 -7.72 13.27 -24.14
C THR D 56 -7.91 12.46 -22.88
N TYR D 57 -7.97 13.17 -21.75
CA TYR D 57 -8.02 12.57 -20.42
C TYR D 57 -9.45 12.19 -19.98
N LEU D 58 -9.96 11.15 -20.62
CA LEU D 58 -11.28 10.60 -20.37
C LEU D 58 -11.03 9.12 -20.03
N ASN D 59 -11.47 8.72 -18.83
CA ASN D 59 -11.30 7.37 -18.37
C ASN D 59 -12.63 6.81 -18.01
N TRP D 60 -12.69 5.46 -17.96
CA TRP D 60 -13.86 4.74 -17.46
C TRP D 60 -13.46 3.95 -16.24
N LEU D 61 -14.31 4.03 -15.23
CA LEU D 61 -14.12 3.39 -13.92
C LEU D 61 -15.25 2.44 -13.67
N LEU D 62 -14.95 1.35 -12.98
CA LEU D 62 -15.96 0.41 -12.51
C LEU D 62 -15.93 0.45 -10.98
N GLN D 63 -17.10 0.48 -10.36
CA GLN D 63 -17.18 0.37 -8.91
C GLN D 63 -18.12 -0.75 -8.52
N ARG D 64 -17.56 -1.73 -7.82
CA ARG D 64 -18.35 -2.84 -7.28
C ARG D 64 -18.85 -2.48 -5.90
N PRO D 65 -20.00 -3.04 -5.47
CA PRO D 65 -20.57 -2.66 -4.15
C PRO D 65 -19.55 -2.75 -3.00
N GLY D 66 -19.46 -1.67 -2.23
CA GLY D 66 -18.51 -1.59 -1.10
C GLY D 66 -17.03 -1.59 -1.44
N GLN D 67 -16.67 -1.33 -2.71
CA GLN D 67 -15.27 -1.29 -3.18
C GLN D 67 -14.90 0.10 -3.66
N PRO D 68 -13.58 0.43 -3.68
CA PRO D 68 -13.19 1.68 -4.31
C PRO D 68 -13.41 1.62 -5.85
N PRO D 69 -13.47 2.79 -6.52
CA PRO D 69 -13.46 2.78 -8.01
C PRO D 69 -12.18 2.14 -8.52
N GLN D 70 -12.29 1.37 -9.61
CA GLN D 70 -11.08 0.93 -10.31
C GLN D 70 -11.08 1.26 -11.79
N LEU D 71 -9.88 1.49 -12.32
CA LEU D 71 -9.70 1.88 -13.70
C LEU D 71 -9.98 0.73 -14.67
N LEU D 72 -10.80 0.99 -15.69
CA LEU D 72 -11.01 0.02 -16.81
C LEU D 72 -10.29 0.48 -18.05
N ILE D 73 -10.54 1.75 -18.39
CA ILE D 73 -10.05 2.33 -19.65
C ILE D 73 -9.48 3.70 -19.35
N TYR D 74 -8.33 4.04 -19.91
CA TYR D 74 -7.81 5.41 -19.67
C TYR D 74 -7.43 6.00 -21.00
N LEU D 75 -7.41 7.35 -21.08
CA LEU D 75 -7.07 8.05 -22.33
C LEU D 75 -7.94 7.52 -23.50
N VAL D 76 -9.25 7.48 -23.24
CA VAL D 76 -10.29 7.12 -24.21
C VAL D 76 -10.37 5.61 -24.51
N SER D 77 -9.25 5.03 -24.90
CA SER D 77 -9.27 3.68 -25.53
C SER D 77 -8.28 2.71 -24.93
N ARG D 78 -7.39 3.16 -24.06
CA ARG D 78 -6.35 2.25 -23.58
C ARG D 78 -6.84 1.42 -22.42
N LEU D 79 -6.68 0.12 -22.59
CA LEU D 79 -7.17 -0.85 -21.62
C LEU D 79 -6.22 -0.91 -20.41
N GLU D 80 -6.74 -0.83 -19.20
CA GLU D 80 -5.91 -0.99 -18.00
C GLU D 80 -5.42 -2.45 -17.91
N SER D 81 -4.21 -2.66 -17.38
CA SER D 81 -3.66 -4.02 -17.13
C SER D 81 -4.60 -4.89 -16.36
N GLY D 82 -4.81 -6.12 -16.82
CA GLY D 82 -5.73 -7.03 -16.09
C GLY D 82 -7.19 -6.93 -16.51
N VAL D 83 -7.54 -5.93 -17.32
CA VAL D 83 -8.93 -5.75 -17.72
C VAL D 83 -9.18 -6.61 -18.97
N PRO D 84 -10.26 -7.41 -18.99
CA PRO D 84 -10.55 -8.32 -20.11
C PRO D 84 -10.72 -7.61 -21.46
N ASN D 85 -10.34 -8.28 -22.55
CA ASN D 85 -10.39 -7.74 -23.93
C ASN D 85 -11.80 -7.26 -24.33
N ARG D 86 -12.87 -7.86 -23.76
CA ARG D 86 -14.26 -7.51 -24.10
C ARG D 86 -14.70 -6.06 -23.80
N PHE D 87 -13.93 -5.35 -22.96
CA PHE D 87 -14.14 -3.91 -22.68
C PHE D 87 -13.43 -3.09 -23.74
N SER D 88 -14.15 -2.07 -24.24
CA SER D 88 -13.48 -1.09 -25.14
C SER D 88 -14.04 0.30 -24.92
N GLY D 89 -13.20 1.31 -25.15
CA GLY D 89 -13.64 2.70 -25.10
C GLY D 89 -13.33 3.39 -26.41
N SER D 90 -14.17 4.34 -26.80
CA SER D 90 -13.94 5.10 -28.01
C SER D 90 -14.56 6.49 -27.84
N GLY D 91 -14.46 7.32 -28.87
CA GLY D 91 -15.00 8.69 -28.86
C GLY D 91 -13.87 9.67 -29.04
N SER D 92 -14.23 10.96 -29.13
CA SER D 92 -13.27 12.07 -29.22
C SER D 92 -14.05 13.32 -28.91
N GLY D 93 -13.35 14.41 -28.58
CA GLY D 93 -14.02 15.72 -28.52
C GLY D 93 -14.94 15.77 -27.31
N THR D 94 -16.25 15.72 -27.57
CA THR D 94 -17.26 15.82 -26.50
C THR D 94 -18.14 14.56 -26.35
N ALA D 95 -17.83 13.46 -27.06
CA ALA D 95 -18.74 12.29 -27.03
C ALA D 95 -17.92 11.04 -26.98
N PHE D 96 -18.22 10.19 -26.01
CA PHE D 96 -17.44 9.00 -25.71
C PHE D 96 -18.36 7.84 -25.42
N THR D 97 -17.81 6.63 -25.57
CA THR D 97 -18.55 5.41 -25.49
C THR D 97 -17.71 4.33 -24.81
N LEU D 98 -18.31 3.63 -23.84
CA LEU D 98 -17.77 2.37 -23.35
C LEU D 98 -18.64 1.20 -23.87
N LYS D 99 -18.01 0.15 -24.38
CA LYS D 99 -18.73 -1.02 -24.86
C LYS D 99 -18.23 -2.25 -24.17
N ILE D 100 -19.18 -3.09 -23.72
CA ILE D 100 -18.83 -4.45 -23.26
C ILE D 100 -19.34 -5.42 -24.33
N SER D 101 -18.43 -6.10 -25.03
CA SER D 101 -18.83 -7.01 -26.15
C SER D 101 -18.92 -8.45 -25.65
N GLY D 102 -20.11 -8.87 -25.24
CA GLY D 102 -20.25 -10.20 -24.61
C GLY D 102 -20.13 -10.09 -23.10
N LEU D 103 -21.20 -9.65 -22.48
CA LEU D 103 -21.27 -9.52 -21.02
C LEU D 103 -20.95 -10.84 -20.32
N GLU D 104 -20.22 -10.78 -19.22
CA GLU D 104 -20.07 -11.96 -18.36
C GLU D 104 -20.66 -11.62 -17.02
N ALA D 105 -20.95 -12.65 -16.23
CA ALA D 105 -21.58 -12.52 -14.92
C ALA D 105 -20.83 -11.56 -14.02
N GLU D 106 -19.50 -11.63 -14.01
CA GLU D 106 -18.71 -10.72 -13.15
C GLU D 106 -18.69 -9.24 -13.57
N ASP D 107 -19.31 -8.87 -14.68
CA ASP D 107 -19.23 -7.47 -15.15
C ASP D 107 -20.21 -6.51 -14.50
N LEU D 108 -21.06 -7.03 -13.60
CA LEU D 108 -22.04 -6.15 -12.95
C LEU D 108 -21.38 -5.09 -12.05
N GLY D 109 -22.13 -4.02 -11.76
CA GLY D 109 -21.65 -2.92 -10.93
C GLY D 109 -22.00 -1.59 -11.57
N VAL D 110 -21.37 -0.52 -11.08
CA VAL D 110 -21.62 0.84 -11.54
C VAL D 110 -20.41 1.37 -12.30
N TYR D 111 -20.65 1.88 -13.50
CA TYR D 111 -19.62 2.40 -14.37
C TYR D 111 -19.69 3.92 -14.36
N TYR D 112 -18.54 4.58 -14.23
CA TYR D 112 -18.50 6.04 -14.33
C TYR D 112 -17.47 6.45 -15.37
N CYS D 113 -17.77 7.50 -16.13
CA CYS D 113 -16.73 8.20 -16.85
C CYS D 113 -16.16 9.31 -15.95
N VAL D 114 -14.90 9.66 -16.16
CA VAL D 114 -14.24 10.74 -15.43
C VAL D 114 -13.32 11.44 -16.44
N GLN D 115 -13.31 12.76 -16.37
CA GLN D 115 -12.38 13.57 -17.16
C GLN D 115 -11.43 14.35 -16.26
N GLY D 116 -10.20 14.44 -16.72
CA GLY D 116 -9.18 15.31 -16.08
C GLY D 116 -8.51 16.25 -17.07
N THR D 117 -9.07 16.41 -18.27
CA THR D 117 -8.50 17.37 -19.22
C THR D 117 -8.56 18.81 -18.66
N HIS D 118 -9.74 19.19 -18.18
CA HIS D 118 -10.01 20.51 -17.63
C HIS D 118 -10.22 20.40 -16.13
N ALA D 119 -9.43 21.15 -15.36
CA ALA D 119 -9.55 21.10 -13.90
C ALA D 119 -10.81 21.88 -13.51
N PRO D 120 -11.58 21.42 -12.52
CA PRO D 120 -11.41 20.24 -11.69
C PRO D 120 -11.88 18.95 -12.36
N LEU D 121 -11.38 17.79 -11.89
CA LEU D 121 -11.93 16.47 -12.28
C LEU D 121 -13.41 16.47 -12.13
N THR D 122 -14.12 15.95 -13.12
CA THR D 122 -15.56 15.75 -12.96
C THR D 122 -15.94 14.36 -13.46
N PHE D 123 -17.17 13.92 -13.11
CA PHE D 123 -17.61 12.52 -13.23
C PHE D 123 -18.98 12.47 -13.87
N GLY D 124 -19.22 11.47 -14.70
CA GLY D 124 -20.61 11.14 -15.08
C GLY D 124 -21.39 10.67 -13.85
N SER D 125 -22.70 10.58 -13.99
CA SER D 125 -23.52 10.20 -12.86
C SER D 125 -23.62 8.69 -12.65
N GLY D 126 -23.04 7.89 -13.54
CA GLY D 126 -22.96 6.47 -13.25
C GLY D 126 -24.02 5.67 -14.01
N THR D 127 -23.63 4.45 -14.41
CA THR D 127 -24.57 3.49 -15.06
C THR D 127 -24.46 2.19 -14.26
N LYS D 128 -25.61 1.72 -13.76
CA LYS D 128 -25.67 0.45 -13.02
C LYS D 128 -26.04 -0.64 -14.03
N LEU D 129 -25.19 -1.65 -14.13
CA LEU D 129 -25.41 -2.77 -15.03
C LEU D 129 -25.95 -3.92 -14.21
N GLU D 130 -27.12 -4.43 -14.61
CA GLU D 130 -27.59 -5.71 -14.03
C GLU D 130 -27.66 -6.81 -15.09
N ILE D 131 -27.62 -8.05 -14.63
CA ILE D 131 -27.62 -9.19 -15.51
C ILE D 131 -29.01 -9.80 -15.53
N LYS D 132 -29.53 -10.01 -16.74
CA LYS D 132 -30.73 -10.82 -16.92
C LYS D 132 -30.35 -12.30 -16.96
N ARG D 133 -31.12 -13.13 -16.25
CA ARG D 133 -30.87 -14.59 -16.22
C ARG D 133 -32.21 -15.34 -16.07
N ALA D 134 -32.18 -16.66 -16.11
CA ALA D 134 -33.38 -17.46 -15.93
C ALA D 134 -33.91 -17.35 -14.50
N ASP D 135 -35.25 -17.31 -14.38
CA ASP D 135 -35.94 -17.39 -13.09
C ASP D 135 -35.34 -18.51 -12.25
N ALA D 136 -35.19 -18.27 -10.94
CA ALA D 136 -34.68 -19.29 -10.02
C ALA D 136 -35.41 -19.13 -8.69
N ALA D 137 -35.85 -20.25 -8.11
CA ALA D 137 -36.68 -20.22 -6.90
C ALA D 137 -35.80 -20.00 -5.67
N PRO D 138 -36.31 -19.31 -4.63
CA PRO D 138 -35.49 -19.11 -3.42
C PRO D 138 -35.30 -20.40 -2.59
N THR D 139 -34.11 -20.54 -1.97
CA THR D 139 -33.90 -21.58 -0.95
C THR D 139 -34.12 -20.88 0.36
N VAL D 140 -35.09 -21.36 1.13
CA VAL D 140 -35.50 -20.66 2.35
C VAL D 140 -34.99 -21.36 3.63
N SER D 141 -34.56 -20.54 4.59
CA SER D 141 -34.06 -21.01 5.89
C SER D 141 -34.65 -20.18 7.00
N ILE D 142 -34.98 -20.84 8.12
CA ILE D 142 -35.47 -20.14 9.31
C ILE D 142 -34.55 -20.40 10.51
N PHE D 143 -34.39 -19.38 11.35
CA PHE D 143 -33.46 -19.43 12.48
C PHE D 143 -34.11 -18.88 13.74
N PRO D 144 -34.26 -19.72 14.80
CA PRO D 144 -34.77 -19.24 16.10
C PRO D 144 -33.78 -18.30 16.76
N PRO D 145 -34.23 -17.50 17.76
CA PRO D 145 -33.25 -16.71 18.54
C PRO D 145 -32.17 -17.61 19.16
N SER D 146 -30.98 -17.04 19.33
CA SER D 146 -29.90 -17.67 20.09
C SER D 146 -30.18 -17.55 21.60
N THR D 147 -29.62 -18.49 22.37
CA THR D 147 -29.62 -18.46 23.86
C THR D 147 -29.03 -17.14 24.37
N GLU D 148 -27.88 -16.76 23.79
CA GLU D 148 -27.12 -15.57 24.16
C GLU D 148 -27.97 -14.31 24.10
N GLN D 149 -28.77 -14.17 23.04
CA GLN D 149 -29.66 -13.01 22.88
C GLN D 149 -30.81 -13.01 23.87
N LEU D 150 -31.44 -14.17 24.04
CA LEU D 150 -32.59 -14.30 24.96
C LEU D 150 -32.17 -13.90 26.37
N ALA D 151 -30.99 -14.39 26.78
CA ALA D 151 -30.32 -14.01 28.03
C ALA D 151 -30.24 -12.50 28.27
N THR D 152 -30.38 -11.69 27.21
CA THR D 152 -30.34 -10.23 27.31
C THR D 152 -31.74 -9.61 27.37
N GLY D 153 -32.77 -10.43 27.16
CA GLY D 153 -34.17 -9.98 27.18
C GLY D 153 -34.76 -9.60 25.83
N GLY D 154 -33.99 -9.79 24.77
CA GLY D 154 -34.44 -9.55 23.40
C GLY D 154 -34.55 -10.84 22.62
N ALA D 155 -35.31 -10.81 21.52
CA ALA D 155 -35.41 -11.96 20.63
C ALA D 155 -35.43 -11.50 19.17
N SER D 156 -34.80 -12.30 18.32
CA SER D 156 -34.79 -12.04 16.89
C SER D 156 -34.94 -13.35 16.13
N VAL D 157 -35.94 -13.40 15.24
CA VAL D 157 -36.10 -14.55 14.36
C VAL D 157 -35.70 -14.12 12.95
N VAL D 158 -34.91 -14.95 12.29
CA VAL D 158 -34.36 -14.63 10.99
C VAL D 158 -34.83 -15.65 9.97
N CYS D 159 -35.20 -15.12 8.79
CA CYS D 159 -35.55 -15.92 7.65
C CYS D 159 -34.72 -15.50 6.44
N LEU D 160 -34.04 -16.47 5.83
CA LEU D 160 -33.20 -16.22 4.67
C LEU D 160 -33.82 -16.79 3.41
N MET D 161 -33.69 -16.04 2.31
CA MET D 161 -34.16 -16.48 1.01
C MET D 161 -32.98 -16.37 0.03
N ASN D 162 -32.42 -17.51 -0.36
CA ASN D 162 -31.13 -17.49 -1.02
C ASN D 162 -31.18 -17.84 -2.49
N ASN D 163 -30.46 -17.03 -3.27
CA ASN D 163 -30.20 -17.31 -4.70
C ASN D 163 -31.45 -17.45 -5.57
N PHE D 164 -32.26 -16.40 -5.57
CA PHE D 164 -33.45 -16.37 -6.41
C PHE D 164 -33.31 -15.33 -7.51
N TYR D 165 -34.21 -15.42 -8.49
CA TYR D 165 -34.27 -14.48 -9.59
C TYR D 165 -35.67 -14.59 -10.22
N PRO D 166 -36.37 -13.45 -10.51
CA PRO D 166 -35.94 -12.04 -10.39
C PRO D 166 -35.96 -11.56 -8.94
N ARG D 167 -35.59 -10.30 -8.77
CA ARG D 167 -35.39 -9.68 -7.46
C ARG D 167 -36.69 -9.54 -6.63
N ASP D 168 -37.81 -9.34 -7.31
CA ASP D 168 -39.12 -9.17 -6.66
C ASP D 168 -39.50 -10.44 -5.88
N ILE D 169 -39.80 -10.25 -4.61
CA ILE D 169 -40.14 -11.33 -3.70
C ILE D 169 -41.02 -10.76 -2.56
N SER D 170 -41.84 -11.60 -1.95
CA SER D 170 -42.64 -11.21 -0.81
C SER D 170 -42.36 -12.14 0.37
N VAL D 171 -42.15 -11.57 1.54
CA VAL D 171 -41.91 -12.36 2.76
C VAL D 171 -42.87 -11.90 3.85
N LYS D 172 -43.49 -12.86 4.51
CA LYS D 172 -44.39 -12.58 5.62
C LYS D 172 -44.11 -13.48 6.80
N TRP D 173 -44.33 -12.94 7.99
CA TRP D 173 -44.16 -13.64 9.25
C TRP D 173 -45.53 -13.98 9.85
N LYS D 174 -45.70 -15.24 10.22
CA LYS D 174 -46.87 -15.66 11.00
C LYS D 174 -46.42 -16.20 12.34
N ILE D 175 -47.09 -15.74 13.40
CA ILE D 175 -46.90 -16.25 14.76
C ILE D 175 -48.20 -16.93 15.23
N ASP D 176 -48.13 -18.23 15.53
CA ASP D 176 -49.30 -19.08 15.84
C ASP D 176 -50.47 -18.80 14.86
N GLY D 177 -50.14 -18.73 13.57
CA GLY D 177 -51.11 -18.46 12.51
C GLY D 177 -51.53 -17.02 12.25
N THR D 178 -51.13 -16.07 13.09
CA THR D 178 -51.43 -14.65 12.84
C THR D 178 -50.22 -13.90 12.27
N GLU D 179 -50.43 -13.23 11.13
CA GLU D 179 -49.41 -12.39 10.53
C GLU D 179 -48.93 -11.31 11.50
N ARG D 180 -47.61 -11.16 11.57
CA ARG D 180 -46.96 -10.11 12.35
C ARG D 180 -46.17 -9.16 11.44
N ARG D 181 -46.44 -7.86 11.53
CA ARG D 181 -45.80 -6.90 10.64
C ARG D 181 -44.85 -5.92 11.34
N ASP D 182 -45.17 -5.53 12.57
CA ASP D 182 -44.27 -4.68 13.38
C ASP D 182 -43.01 -5.45 13.72
N GLY D 183 -41.89 -4.72 13.83
CA GLY D 183 -40.59 -5.31 14.23
C GLY D 183 -39.87 -6.12 13.16
N VAL D 184 -40.35 -6.01 11.91
CA VAL D 184 -39.76 -6.72 10.75
C VAL D 184 -38.83 -5.77 9.97
N LEU D 185 -37.58 -6.22 9.77
CA LEU D 185 -36.65 -5.52 8.90
C LEU D 185 -36.09 -6.45 7.83
N ASP D 186 -36.14 -5.96 6.60
CA ASP D 186 -35.89 -6.73 5.38
C ASP D 186 -34.64 -6.14 4.70
N SER D 187 -33.83 -6.98 4.07
CA SER D 187 -32.65 -6.48 3.32
C SER D 187 -32.29 -7.43 2.18
N VAL D 188 -32.01 -6.86 1.02
CA VAL D 188 -31.76 -7.64 -0.19
C VAL D 188 -30.29 -7.42 -0.58
N THR D 189 -29.58 -8.48 -0.95
CA THR D 189 -28.20 -8.35 -1.42
C THR D 189 -28.11 -7.64 -2.79
N ASP D 190 -26.91 -7.18 -3.12
CA ASP D 190 -26.59 -6.82 -4.51
C ASP D 190 -26.58 -8.11 -5.31
N GLN D 191 -26.84 -8.00 -6.60
CA GLN D 191 -26.84 -9.16 -7.48
C GLN D 191 -25.49 -9.90 -7.34
N ASP D 192 -25.54 -11.23 -7.35
CA ASP D 192 -24.36 -12.08 -7.16
C ASP D 192 -23.45 -12.11 -8.39
N SER D 193 -22.13 -11.93 -8.20
CA SER D 193 -21.19 -11.79 -9.36
C SER D 193 -20.91 -13.09 -10.07
N LYS D 194 -21.27 -14.20 -9.42
CA LYS D 194 -21.05 -15.49 -10.00
C LYS D 194 -22.31 -16.07 -10.66
N ASP D 195 -23.45 -16.07 -9.97
CA ASP D 195 -24.67 -16.70 -10.56
C ASP D 195 -25.80 -15.71 -10.91
N SER D 196 -25.57 -14.42 -10.66
CA SER D 196 -26.49 -13.31 -11.08
C SER D 196 -27.82 -13.37 -10.32
N THR D 197 -27.86 -14.10 -9.20
CA THR D 197 -29.07 -14.17 -8.38
C THR D 197 -29.07 -13.11 -7.28
N TYR D 198 -30.17 -13.02 -6.55
CA TYR D 198 -30.32 -12.15 -5.37
C TYR D 198 -30.62 -13.00 -4.15
N SER D 199 -30.39 -12.43 -2.97
CA SER D 199 -30.77 -13.09 -1.73
C SER D 199 -31.38 -12.06 -0.82
N MET D 200 -32.22 -12.50 0.11
CA MET D 200 -32.89 -11.58 1.00
C MET D 200 -32.85 -12.12 2.42
N SER D 201 -32.78 -11.20 3.38
CA SER D 201 -32.84 -11.52 4.80
C SER D 201 -34.04 -10.82 5.41
N SER D 202 -34.79 -11.53 6.24
CA SER D 202 -35.89 -10.87 6.99
C SER D 202 -35.68 -11.16 8.47
N THR D 203 -35.72 -10.10 9.27
CA THR D 203 -35.50 -10.25 10.72
C THR D 203 -36.73 -9.80 11.49
N LEU D 204 -37.27 -10.72 12.27
CA LEU D 204 -38.40 -10.41 13.17
C LEU D 204 -37.89 -10.22 14.60
N SER D 205 -38.02 -8.98 15.09
CA SER D 205 -37.57 -8.58 16.42
C SER D 205 -38.77 -8.40 17.38
N LEU D 206 -38.61 -8.90 18.60
CA LEU D 206 -39.65 -8.87 19.63
C LEU D 206 -39.02 -9.08 21.01
N THR D 207 -39.77 -8.75 22.06
CA THR D 207 -39.30 -8.93 23.46
C THR D 207 -39.27 -10.42 23.81
N LYS D 208 -38.43 -10.76 24.78
CA LYS D 208 -38.33 -12.12 25.31
C LYS D 208 -39.70 -12.62 25.82
N ALA D 209 -40.41 -11.74 26.54
CA ALA D 209 -41.78 -11.97 27.01
C ALA D 209 -42.69 -12.38 25.84
N ASP D 210 -42.77 -11.51 24.83
CA ASP D 210 -43.53 -11.77 23.61
C ASP D 210 -43.15 -13.10 22.98
N TYR D 211 -41.84 -13.31 22.79
CA TYR D 211 -41.35 -14.51 22.11
C TYR D 211 -41.78 -15.79 22.83
N GLU D 212 -41.69 -15.79 24.16
CA GLU D 212 -42.03 -16.98 24.94
C GLU D 212 -43.52 -17.21 25.09
N SER D 213 -44.32 -16.18 24.82
CA SER D 213 -45.78 -16.31 24.87
C SER D 213 -46.41 -17.01 23.64
N HIS D 214 -45.58 -17.36 22.65
CA HIS D 214 -46.08 -18.01 21.43
C HIS D 214 -45.29 -19.25 21.06
N ASN D 215 -45.80 -20.05 20.14
CA ASN D 215 -45.20 -21.37 19.83
C ASN D 215 -44.68 -21.54 18.40
N LEU D 216 -45.57 -21.33 17.42
CA LEU D 216 -45.25 -21.56 16.01
C LEU D 216 -44.83 -20.27 15.34
N TYR D 217 -43.59 -20.28 14.86
CA TYR D 217 -43.00 -19.16 14.14
C TYR D 217 -42.77 -19.59 12.71
N THR D 218 -43.38 -18.83 11.78
CA THR D 218 -43.42 -19.17 10.36
C THR D 218 -42.95 -18.03 9.46
N CYS D 219 -42.10 -18.41 8.53
CA CYS D 219 -41.68 -17.55 7.43
C CYS D 219 -42.37 -18.04 6.17
N GLU D 220 -43.13 -17.14 5.54
CA GLU D 220 -43.84 -17.43 4.30
C GLU D 220 -43.32 -16.59 3.11
N VAL D 221 -42.85 -17.26 2.07
CA VAL D 221 -42.17 -16.63 0.92
C VAL D 221 -42.90 -16.87 -0.42
N VAL D 222 -43.31 -15.79 -1.09
CA VAL D 222 -43.96 -15.89 -2.39
C VAL D 222 -43.04 -15.28 -3.49
N HIS D 223 -42.65 -16.09 -4.46
CA HIS D 223 -41.80 -15.67 -5.59
C HIS D 223 -42.46 -16.16 -6.88
N LYS D 224 -42.24 -15.46 -8.00
CA LYS D 224 -42.95 -15.77 -9.25
C LYS D 224 -42.70 -17.19 -9.79
N THR D 225 -41.63 -17.83 -9.32
CA THR D 225 -41.29 -19.21 -9.73
C THR D 225 -42.34 -20.24 -9.31
N SER D 226 -43.17 -19.89 -8.33
CA SER D 226 -44.25 -20.79 -7.89
C SER D 226 -45.41 -20.05 -7.28
N SER D 227 -46.60 -20.53 -7.61
CA SER D 227 -47.83 -20.02 -7.04
C SER D 227 -48.02 -20.38 -5.56
N SER D 228 -47.41 -21.49 -5.15
CA SER D 228 -47.46 -21.95 -3.77
C SER D 228 -46.38 -21.22 -2.99
N PRO D 229 -46.71 -20.65 -1.81
CA PRO D 229 -45.64 -20.07 -0.97
C PRO D 229 -44.58 -21.11 -0.53
N VAL D 230 -43.34 -20.67 -0.30
CA VAL D 230 -42.34 -21.53 0.35
C VAL D 230 -42.40 -21.19 1.81
N VAL D 231 -42.60 -22.22 2.63
CA VAL D 231 -42.94 -22.05 4.05
C VAL D 231 -41.92 -22.78 4.92
N LYS D 232 -41.36 -22.03 5.87
CA LYS D 232 -40.47 -22.59 6.88
C LYS D 232 -40.93 -22.11 8.24
N SER D 233 -40.99 -23.07 9.16
CA SER D 233 -41.49 -22.87 10.51
C SER D 233 -40.60 -23.59 11.50
N PHE D 234 -40.63 -23.11 12.74
CA PHE D 234 -40.17 -23.90 13.88
C PHE D 234 -41.16 -23.75 15.05
N ASN D 235 -41.08 -24.70 15.98
CA ASN D 235 -41.81 -24.63 17.24
C ASN D 235 -40.88 -24.31 18.39
N ARG D 236 -41.21 -23.26 19.14
CA ARG D 236 -40.39 -22.80 20.26
C ARG D 236 -40.18 -23.83 21.40
N ARG E 1 1.93 3.32 -18.36
CA ARG E 1 1.29 4.67 -18.16
C ARG E 1 1.96 5.51 -17.07
N GLU E 2 3.11 5.05 -16.58
CA GLU E 2 3.96 5.86 -15.70
C GLU E 2 4.45 7.16 -16.36
N ASN E 3 4.60 7.14 -17.69
CA ASN E 3 4.97 8.34 -18.43
C ASN E 3 3.97 9.50 -18.28
N LEU E 4 2.73 9.20 -17.90
CA LEU E 4 1.77 10.28 -17.60
C LEU E 4 2.27 11.08 -16.39
N TYR E 5 2.85 10.39 -15.41
CA TYR E 5 3.39 11.05 -14.23
C TYR E 5 4.71 11.73 -14.49
N PHE E 6 5.55 11.15 -15.36
CA PHE E 6 6.78 11.80 -15.78
C PHE E 6 6.46 13.09 -16.51
N GLN E 7 5.52 13.02 -17.46
CA GLN E 7 5.15 14.15 -18.30
C GLN E 7 4.36 15.18 -17.46
N GLY E 8 3.50 14.70 -16.56
CA GLY E 8 2.73 15.58 -15.72
C GLY E 8 1.40 16.03 -16.30
N LYS E 9 0.56 16.56 -15.42
CA LYS E 9 -0.78 17.04 -15.76
C LYS E 9 -1.26 17.96 -14.67
N ASP E 10 -1.43 19.23 -15.03
CA ASP E 10 -1.87 20.22 -14.04
C ASP E 10 -2.52 21.41 -14.74
N GLY E 11 -3.82 21.28 -14.97
CA GLY E 11 -4.54 22.28 -15.75
C GLY E 11 -4.55 22.06 -17.26
N ARG F 1 -0.43 -18.62 -0.37
CA ARG F 1 0.00 -18.45 1.06
C ARG F 1 -0.95 -17.62 1.92
N GLU F 2 -2.11 -17.26 1.39
CA GLU F 2 -3.14 -16.60 2.19
C GLU F 2 -3.70 -17.55 3.28
N ASN F 3 -3.63 -18.88 3.03
CA ASN F 3 -3.98 -19.90 4.04
C ASN F 3 -3.19 -19.75 5.37
N LEU F 4 -1.97 -19.24 5.28
CA LEU F 4 -1.16 -19.00 6.47
C LEU F 4 -1.84 -18.04 7.40
N TYR F 5 -2.46 -17.00 6.84
CA TYR F 5 -3.19 -16.02 7.65
C TYR F 5 -4.55 -16.51 8.13
N PHE F 6 -5.24 -17.29 7.31
CA PHE F 6 -6.54 -17.86 7.71
C PHE F 6 -6.34 -18.78 8.89
N GLN F 7 -5.35 -19.68 8.79
CA GLN F 7 -5.08 -20.67 9.84
C GLN F 7 -4.47 -20.01 11.09
N GLY F 8 -3.58 -19.05 10.90
CA GLY F 8 -2.99 -18.35 12.03
C GLY F 8 -1.60 -18.84 12.37
N LYS F 9 -0.86 -18.01 13.13
CA LYS F 9 0.47 -18.33 13.64
C LYS F 9 0.77 -17.36 14.80
N ASP F 10 0.73 -17.90 16.01
CA ASP F 10 0.99 -17.14 17.21
C ASP F 10 1.59 -18.06 18.29
N GLY F 11 2.89 -18.32 18.16
CA GLY F 11 3.60 -19.18 19.10
C GLY F 11 3.58 -20.65 18.68
#